data_1OGG
#
_entry.id   1OGG
#
_cell.length_a   55.866
_cell.length_b   104.744
_cell.length_c   186.728
_cell.angle_alpha   90.00
_cell.angle_beta   90.00
_cell.angle_gamma   90.00
#
_symmetry.space_group_name_H-M   'P 21 21 21'
#
loop_
_entity.id
_entity.type
_entity.pdbx_description
1 polymer 'CHITINASE B'
2 branched 2-acetamido-2-deoxy-beta-D-allopyranose-(1-4)-2-acetamido-2-deoxy-beta-D-allopyranose
3 non-polymer ALLOSAMIZOLINE
4 non-polymer GLYCEROL
5 non-polymer 'SULFATE ION'
6 water water
#
_entity_poly.entity_id   1
_entity_poly.type   'polypeptide(L)'
_entity_poly.pdbx_seq_one_letter_code
;MSTRKAVIGYYFIPTNQINNYTETDTSVVPFPVSNITPAKAKQLTHINFSFLDINSNLECAWDPATNDAKARDVVNRLTA
LKAHNPSLRIMFSIGGWYYSNDLGVSHANYVNAVKTPASRAKFAQSCVRIMKDYGFDGVDINWEYPQAAEVDGFIAALQE
IRTLLNQQTITDGRQALPYQLTIAGAGGAFFLSRYYSKLAQIVAPLDYINLMTYDLAGPWEKVTNHQAALFGDAAGPTFY
NALREANLGWSWEELTRAFPSPFSLTVDAAVQQHLMMEGVPSAKIVMGVPFYGRAFKGVSGGNGGQYSSHSTPGEDPYPS
TDYWLVGCEECVRDKDPRIASYRQLEQMLQGNYGYQRLWNDKTKTPYLYHAQNGLFVTYDDAESFKYKAKYIKQQQLGGV
MFWHLGQDNRNGDLLAALDRYFNAADYDDSQLDMGTGLRYTGVGPGNLPIMTAPAYVPGTTYAQGALVSYQGYVWQTKWG
YITSAPGSDSAWLKVGRVA
;
_entity_poly.pdbx_strand_id   A,B
#
loop_
_chem_comp.id
_chem_comp.type
_chem_comp.name
_chem_comp.formula
AMI non-polymer ALLOSAMIZOLINE 'C9 H16 N2 O4'
GOL non-polymer GLYCEROL 'C3 H8 O3'
NAA D-saccharide, beta linking 2-acetamido-2-deoxy-beta-D-allopyranose 'C8 H15 N O6'
SO4 non-polymer 'SULFATE ION' 'O4 S -2'
#
# COMPACT_ATOMS: atom_id res chain seq x y z
N THR A 3 -6.71 -22.69 -30.93
CA THR A 3 -7.29 -23.46 -29.78
C THR A 3 -8.76 -23.12 -29.60
N ARG A 4 -9.60 -24.14 -29.64
CA ARG A 4 -11.03 -23.95 -29.48
C ARG A 4 -11.29 -23.33 -28.10
N LYS A 5 -12.26 -22.40 -28.05
CA LYS A 5 -12.64 -21.75 -26.78
C LYS A 5 -13.51 -22.70 -25.96
N ALA A 6 -13.27 -22.80 -24.66
CA ALA A 6 -14.09 -23.67 -23.84
C ALA A 6 -15.49 -23.06 -23.72
N VAL A 7 -16.50 -23.94 -23.72
CA VAL A 7 -17.90 -23.55 -23.52
C VAL A 7 -18.34 -24.48 -22.40
N ILE A 8 -18.27 -23.95 -21.18
CA ILE A 8 -18.59 -24.70 -19.96
C ILE A 8 -19.98 -24.44 -19.40
N GLY A 9 -20.87 -25.41 -19.60
CA GLY A 9 -22.21 -25.25 -19.12
C GLY A 9 -22.47 -25.96 -17.80
N TYR A 10 -22.71 -25.20 -16.73
CA TYR A 10 -23.04 -25.81 -15.45
C TYR A 10 -24.45 -26.34 -15.66
N TYR A 11 -24.75 -27.48 -15.07
CA TYR A 11 -26.09 -28.09 -15.17
C TYR A 11 -26.52 -28.38 -13.73
N PHE A 12 -27.49 -27.62 -13.26
CA PHE A 12 -27.98 -27.77 -11.90
C PHE A 12 -29.28 -28.55 -11.89
N ILE A 13 -29.29 -29.58 -11.06
CA ILE A 13 -30.45 -30.43 -10.93
C ILE A 13 -30.54 -30.66 -9.42
N PRO A 14 -31.53 -30.04 -8.77
CA PRO A 14 -31.67 -30.20 -7.32
C PRO A 14 -32.08 -31.63 -6.94
N THR A 15 -31.73 -32.01 -5.71
CA THR A 15 -32.01 -33.34 -5.20
C THR A 15 -33.42 -33.86 -5.41
N ASN A 16 -34.43 -33.02 -5.20
CA ASN A 16 -35.80 -33.50 -5.38
C ASN A 16 -36.03 -33.94 -6.82
N GLN A 17 -35.40 -33.25 -7.78
CA GLN A 17 -35.56 -33.63 -9.18
C GLN A 17 -34.83 -34.91 -9.55
N ILE A 18 -33.70 -35.17 -8.89
CA ILE A 18 -32.97 -36.39 -9.17
C ILE A 18 -33.86 -37.55 -8.65
N ASN A 19 -34.32 -37.41 -7.41
CA ASN A 19 -35.14 -38.44 -6.79
C ASN A 19 -36.45 -38.69 -7.53
N ASN A 20 -36.92 -37.70 -8.28
CA ASN A 20 -38.16 -37.84 -9.02
C ASN A 20 -37.94 -37.67 -10.51
N TYR A 21 -36.70 -37.94 -10.94
CA TYR A 21 -36.32 -37.76 -12.34
C TYR A 21 -37.29 -38.33 -13.35
N THR A 22 -37.56 -37.55 -14.38
CA THR A 22 -38.43 -37.96 -15.45
C THR A 22 -38.11 -37.06 -16.63
N GLU A 23 -38.22 -37.59 -17.83
CA GLU A 23 -37.93 -36.80 -19.00
C GLU A 23 -39.21 -36.56 -19.75
N THR A 24 -40.32 -36.95 -19.13
CA THR A 24 -41.62 -36.82 -19.74
C THR A 24 -42.56 -35.87 -19.04
N ASP A 25 -42.11 -35.24 -17.95
CA ASP A 25 -42.98 -34.33 -17.22
C ASP A 25 -42.31 -33.02 -16.77
N THR A 26 -42.40 -32.02 -17.64
CA THR A 26 -41.84 -30.70 -17.43
C THR A 26 -42.18 -30.09 -16.09
N SER A 27 -43.29 -30.52 -15.49
CA SER A 27 -43.72 -29.99 -14.19
C SER A 27 -42.95 -30.60 -13.02
N VAL A 28 -42.22 -31.68 -13.30
CA VAL A 28 -41.43 -32.35 -12.27
C VAL A 28 -39.94 -32.01 -12.48
N VAL A 29 -39.45 -32.29 -13.69
CA VAL A 29 -38.07 -31.97 -14.07
C VAL A 29 -38.21 -31.04 -15.27
N PRO A 30 -38.12 -29.72 -15.05
CA PRO A 30 -38.26 -28.74 -16.13
C PRO A 30 -37.26 -28.90 -17.28
N PHE A 31 -36.05 -29.35 -16.95
CA PHE A 31 -35.00 -29.50 -17.96
C PHE A 31 -34.23 -30.82 -17.83
N PRO A 32 -34.84 -31.94 -18.27
CA PRO A 32 -34.14 -33.22 -18.15
C PRO A 32 -33.02 -33.34 -19.18
N VAL A 33 -32.14 -34.30 -18.97
CA VAL A 33 -31.01 -34.48 -19.89
C VAL A 33 -31.37 -34.64 -21.37
N SER A 34 -32.53 -35.22 -21.64
CA SER A 34 -32.97 -35.41 -23.02
C SER A 34 -33.07 -34.08 -23.78
N ASN A 35 -33.17 -32.95 -23.05
CA ASN A 35 -33.25 -31.65 -23.71
C ASN A 35 -31.92 -31.36 -24.39
N ILE A 36 -30.88 -32.03 -23.92
CA ILE A 36 -29.54 -31.87 -24.50
C ILE A 36 -29.38 -32.82 -25.67
N THR A 37 -29.83 -32.38 -26.84
CA THR A 37 -29.75 -33.18 -28.06
C THR A 37 -28.30 -33.29 -28.51
N PRO A 38 -28.01 -34.21 -29.45
CA PRO A 38 -26.63 -34.38 -29.95
C PRO A 38 -26.08 -33.06 -30.50
N ALA A 39 -26.93 -32.30 -31.18
CA ALA A 39 -26.50 -31.02 -31.72
C ALA A 39 -26.08 -30.07 -30.57
N LYS A 40 -26.83 -30.09 -29.46
CA LYS A 40 -26.49 -29.25 -28.33
C LYS A 40 -25.23 -29.77 -27.62
N ALA A 41 -25.06 -31.09 -27.58
CA ALA A 41 -23.89 -31.69 -26.94
C ALA A 41 -22.63 -31.28 -27.68
N LYS A 42 -22.72 -31.09 -29.01
CA LYS A 42 -21.51 -30.71 -29.76
C LYS A 42 -21.14 -29.24 -29.55
N GLN A 43 -22.07 -28.45 -29.02
CA GLN A 43 -21.83 -27.02 -28.77
C GLN A 43 -21.12 -26.75 -27.41
N LEU A 44 -21.06 -27.77 -26.57
CA LEU A 44 -20.43 -27.68 -25.25
C LEU A 44 -19.07 -28.36 -25.25
N THR A 45 -18.14 -27.85 -24.45
CA THR A 45 -16.87 -28.55 -24.30
C THR A 45 -16.94 -29.23 -22.92
N HIS A 46 -17.71 -28.67 -21.99
CA HIS A 46 -17.87 -29.25 -20.64
C HIS A 46 -19.29 -29.04 -20.10
N ILE A 47 -19.78 -30.02 -19.33
CA ILE A 47 -21.05 -29.89 -18.65
C ILE A 47 -20.64 -30.16 -17.20
N ASN A 48 -20.83 -29.17 -16.33
CA ASN A 48 -20.45 -29.32 -14.92
C ASN A 48 -21.70 -29.69 -14.11
N PHE A 49 -21.83 -30.96 -13.77
CA PHE A 49 -22.97 -31.40 -12.98
C PHE A 49 -22.93 -30.73 -11.59
N SER A 50 -24.02 -30.07 -11.19
CA SER A 50 -24.09 -29.36 -9.88
C SER A 50 -25.29 -29.78 -9.02
N PHE A 51 -25.13 -29.95 -7.71
CA PHE A 51 -23.87 -29.81 -6.98
C PHE A 51 -23.64 -31.05 -6.07
N LEU A 52 -22.39 -31.34 -5.79
CA LEU A 52 -22.05 -32.39 -4.83
C LEU A 52 -21.61 -31.53 -3.65
N ASP A 53 -21.25 -32.13 -2.53
CA ASP A 53 -20.93 -31.36 -1.35
C ASP A 53 -19.80 -32.02 -0.62
N ILE A 54 -19.51 -31.54 0.58
CA ILE A 54 -18.49 -32.15 1.43
C ILE A 54 -19.23 -32.51 2.72
N ASN A 55 -19.30 -33.81 3.05
CA ASN A 55 -20.03 -34.24 4.25
C ASN A 55 -19.25 -34.10 5.57
N SER A 56 -19.86 -34.59 6.65
CA SER A 56 -19.25 -34.53 7.97
C SER A 56 -17.99 -35.41 8.04
N ASN A 57 -17.92 -36.45 7.20
CA ASN A 57 -16.74 -37.31 7.16
C ASN A 57 -15.61 -36.56 6.41
N LEU A 58 -15.87 -35.30 6.07
CA LEU A 58 -14.92 -34.44 5.36
C LEU A 58 -14.46 -34.97 3.99
N GLU A 59 -15.37 -35.64 3.30
CA GLU A 59 -15.11 -36.17 1.97
C GLU A 59 -16.19 -35.67 1.02
N CYS A 60 -15.86 -35.69 -0.27
CA CYS A 60 -16.80 -35.29 -1.29
C CYS A 60 -17.97 -36.29 -1.27
N ALA A 61 -19.19 -35.81 -1.40
CA ALA A 61 -20.33 -36.71 -1.37
C ALA A 61 -21.62 -36.07 -1.85
N TRP A 62 -22.51 -36.91 -2.38
CA TRP A 62 -23.80 -36.44 -2.85
C TRP A 62 -24.62 -36.04 -1.62
N ASP A 63 -25.61 -35.16 -1.80
CA ASP A 63 -26.45 -34.80 -0.68
C ASP A 63 -27.04 -36.12 -0.16
N PRO A 64 -27.05 -36.34 1.17
CA PRO A 64 -27.57 -37.52 1.87
C PRO A 64 -28.96 -37.96 1.41
N ALA A 65 -29.83 -36.99 1.20
CA ALA A 65 -31.18 -37.21 0.75
C ALA A 65 -31.23 -37.71 -0.70
N THR A 66 -30.07 -37.86 -1.33
CA THR A 66 -30.04 -38.31 -2.72
C THR A 66 -30.26 -39.80 -2.93
N ASN A 67 -31.20 -40.13 -3.82
CA ASN A 67 -31.49 -41.51 -4.21
C ASN A 67 -30.37 -41.87 -5.18
N ASP A 68 -29.35 -42.56 -4.70
CA ASP A 68 -28.18 -42.93 -5.50
C ASP A 68 -28.43 -43.53 -6.89
N ALA A 69 -29.35 -44.48 -6.97
CA ALA A 69 -29.66 -45.13 -8.25
C ALA A 69 -30.15 -44.12 -9.28
N LYS A 70 -31.02 -43.21 -8.85
CA LYS A 70 -31.53 -42.16 -9.72
C LYS A 70 -30.37 -41.23 -10.12
N ALA A 71 -29.46 -40.97 -9.18
CA ALA A 71 -28.32 -40.11 -9.44
C ALA A 71 -27.40 -40.70 -10.52
N ARG A 72 -27.04 -41.98 -10.37
CA ARG A 72 -26.20 -42.64 -11.35
C ARG A 72 -26.92 -42.64 -12.70
N ASP A 73 -28.25 -42.74 -12.69
CA ASP A 73 -29.02 -42.75 -13.93
C ASP A 73 -28.92 -41.41 -14.65
N VAL A 74 -29.09 -40.32 -13.89
CA VAL A 74 -29.01 -38.99 -14.47
C VAL A 74 -27.61 -38.75 -15.01
N VAL A 75 -26.61 -39.08 -14.21
CA VAL A 75 -25.22 -38.90 -14.62
C VAL A 75 -24.85 -39.72 -15.84
N ASN A 76 -25.37 -40.95 -15.93
CA ASN A 76 -25.08 -41.80 -17.06
C ASN A 76 -25.63 -41.24 -18.34
N ARG A 77 -26.79 -40.60 -18.29
CA ARG A 77 -27.35 -39.99 -19.48
C ARG A 77 -26.40 -38.87 -19.93
N LEU A 78 -25.83 -38.17 -18.96
CA LEU A 78 -24.90 -37.09 -19.28
C LEU A 78 -23.64 -37.65 -19.93
N THR A 79 -22.97 -38.63 -19.31
CA THR A 79 -21.77 -39.19 -19.93
C THR A 79 -22.04 -39.89 -21.27
N ALA A 80 -23.28 -40.33 -21.46
CA ALA A 80 -23.66 -40.99 -22.72
C ALA A 80 -23.57 -39.98 -23.86
N LEU A 81 -23.70 -38.70 -23.51
CA LEU A 81 -23.65 -37.63 -24.51
C LEU A 81 -22.29 -37.57 -25.17
N LYS A 82 -21.26 -38.05 -24.47
CA LYS A 82 -19.91 -38.05 -25.01
C LYS A 82 -19.81 -38.86 -26.28
N ALA A 83 -20.80 -39.71 -26.52
CA ALA A 83 -20.83 -40.50 -27.75
C ALA A 83 -20.92 -39.56 -28.96
N HIS A 84 -21.56 -38.39 -28.75
CA HIS A 84 -21.76 -37.39 -29.80
C HIS A 84 -20.67 -36.34 -29.91
N ASN A 85 -19.86 -36.22 -28.87
CA ASN A 85 -18.80 -35.20 -28.87
C ASN A 85 -17.62 -35.78 -28.11
N PRO A 86 -16.59 -36.22 -28.86
CA PRO A 86 -15.37 -36.81 -28.31
C PRO A 86 -14.50 -35.84 -27.50
N SER A 87 -14.85 -34.56 -27.51
CA SER A 87 -14.09 -33.60 -26.73
C SER A 87 -14.86 -33.21 -25.48
N LEU A 88 -16.11 -33.67 -25.37
CA LEU A 88 -16.95 -33.30 -24.23
C LEU A 88 -16.53 -33.94 -22.90
N ARG A 89 -16.49 -33.12 -21.85
CA ARG A 89 -16.17 -33.64 -20.53
C ARG A 89 -17.36 -33.39 -19.61
N ILE A 90 -17.72 -34.40 -18.79
CA ILE A 90 -18.78 -34.21 -17.83
C ILE A 90 -18.11 -34.07 -16.46
N MET A 91 -18.03 -32.85 -15.94
CA MET A 91 -17.39 -32.64 -14.66
C MET A 91 -18.48 -32.61 -13.64
N PHE A 92 -18.08 -32.59 -12.37
CA PHE A 92 -19.05 -32.41 -11.31
C PHE A 92 -18.47 -31.26 -10.49
N SER A 93 -19.36 -30.47 -9.91
CA SER A 93 -18.98 -29.33 -9.12
C SER A 93 -19.34 -29.56 -7.65
N ILE A 94 -18.41 -29.24 -6.75
CA ILE A 94 -18.62 -29.40 -5.32
C ILE A 94 -18.86 -28.02 -4.67
N GLY A 95 -20.01 -27.84 -4.04
CA GLY A 95 -20.21 -26.57 -3.38
C GLY A 95 -21.49 -25.85 -3.74
N GLY A 96 -21.35 -24.62 -4.20
CA GLY A 96 -22.52 -23.83 -4.53
C GLY A 96 -22.80 -22.90 -3.36
N TRP A 97 -23.58 -21.86 -3.59
CA TRP A 97 -23.86 -20.92 -2.52
C TRP A 97 -24.53 -21.57 -1.30
N TYR A 98 -25.60 -22.32 -1.51
CA TYR A 98 -26.31 -22.94 -0.39
C TYR A 98 -25.43 -23.80 0.54
N TYR A 99 -24.62 -24.68 -0.04
CA TYR A 99 -23.77 -25.54 0.77
C TYR A 99 -22.56 -24.88 1.41
N SER A 100 -21.85 -24.07 0.63
CA SER A 100 -20.59 -23.48 1.08
C SER A 100 -20.47 -22.03 1.53
N ASN A 101 -21.53 -21.24 1.45
CA ASN A 101 -21.39 -19.84 1.90
C ASN A 101 -21.10 -19.81 3.40
N ASP A 102 -20.48 -18.73 3.85
CA ASP A 102 -20.09 -18.54 5.25
C ASP A 102 -21.08 -18.98 6.29
N LEU A 103 -22.35 -18.82 6.00
CA LEU A 103 -23.39 -19.19 6.94
C LEU A 103 -24.18 -20.37 6.40
N GLY A 104 -23.59 -21.07 5.43
CA GLY A 104 -24.25 -22.21 4.82
C GLY A 104 -24.19 -23.48 5.63
N VAL A 105 -25.12 -24.39 5.35
CA VAL A 105 -25.26 -25.66 6.08
C VAL A 105 -24.06 -26.61 6.14
N SER A 106 -23.15 -26.53 5.17
CA SER A 106 -22.00 -27.42 5.18
C SER A 106 -20.71 -26.66 5.28
N HIS A 107 -20.81 -25.35 5.51
CA HIS A 107 -19.63 -24.52 5.57
C HIS A 107 -18.47 -25.11 6.34
N ALA A 108 -18.73 -25.54 7.58
CA ALA A 108 -17.69 -26.12 8.41
C ALA A 108 -16.94 -27.27 7.76
N ASN A 109 -17.65 -28.11 6.99
CA ASN A 109 -17.01 -29.24 6.33
C ASN A 109 -15.96 -28.79 5.33
N TYR A 110 -16.20 -27.65 4.66
CA TYR A 110 -15.24 -27.11 3.67
C TYR A 110 -14.02 -26.59 4.44
N VAL A 111 -14.28 -25.86 5.51
CA VAL A 111 -13.19 -25.33 6.33
C VAL A 111 -12.31 -26.47 6.91
N ASN A 112 -12.96 -27.53 7.38
CA ASN A 112 -12.20 -28.61 8.00
C ASN A 112 -11.50 -29.56 7.02
N ALA A 113 -12.12 -29.80 5.87
CA ALA A 113 -11.54 -30.71 4.89
C ALA A 113 -10.17 -30.23 4.39
N VAL A 114 -9.95 -28.92 4.34
CA VAL A 114 -8.67 -28.39 3.85
C VAL A 114 -7.67 -28.01 4.95
N LYS A 115 -8.02 -28.27 6.22
CA LYS A 115 -7.15 -27.86 7.33
C LYS A 115 -5.77 -28.53 7.49
N THR A 116 -5.71 -29.85 7.37
CA THR A 116 -4.44 -30.58 7.54
C THR A 116 -4.03 -31.45 6.36
N PRO A 117 -2.75 -31.88 6.34
CA PRO A 117 -2.27 -32.75 5.26
C PRO A 117 -3.13 -34.02 5.19
N ALA A 118 -3.50 -34.55 6.36
CA ALA A 118 -4.34 -35.76 6.42
C ALA A 118 -5.75 -35.48 5.90
N SER A 119 -6.38 -34.40 6.35
CA SER A 119 -7.73 -34.09 5.89
C SER A 119 -7.70 -33.76 4.39
N ARG A 120 -6.64 -33.09 3.94
CA ARG A 120 -6.49 -32.72 2.53
C ARG A 120 -6.26 -33.94 1.65
N ALA A 121 -5.54 -34.92 2.16
CA ALA A 121 -5.29 -36.14 1.40
C ALA A 121 -6.58 -36.94 1.36
N LYS A 122 -7.26 -37.04 2.51
CA LYS A 122 -8.52 -37.78 2.56
C LYS A 122 -9.58 -37.13 1.63
N PHE A 123 -9.69 -35.81 1.67
CA PHE A 123 -10.65 -35.12 0.80
C PHE A 123 -10.32 -35.30 -0.70
N ALA A 124 -9.07 -35.02 -1.08
CA ALA A 124 -8.59 -35.17 -2.46
C ALA A 124 -8.86 -36.58 -2.99
N GLN A 125 -8.49 -37.58 -2.19
CA GLN A 125 -8.73 -38.97 -2.55
C GLN A 125 -10.22 -39.19 -2.75
N SER A 126 -11.06 -38.57 -1.92
CA SER A 126 -12.50 -38.77 -2.10
C SER A 126 -13.00 -38.10 -3.38
N CYS A 127 -12.38 -37.01 -3.79
CA CYS A 127 -12.80 -36.33 -5.04
C CYS A 127 -12.57 -37.25 -6.25
N VAL A 128 -11.38 -37.82 -6.31
CA VAL A 128 -11.02 -38.72 -7.39
C VAL A 128 -11.90 -40.00 -7.34
N ARG A 129 -12.16 -40.52 -6.14
CA ARG A 129 -12.97 -41.75 -6.03
C ARG A 129 -14.35 -41.48 -6.60
N ILE A 130 -14.96 -40.38 -6.18
CA ILE A 130 -16.28 -40.04 -6.68
C ILE A 130 -16.24 -39.84 -8.21
N MET A 131 -15.17 -39.19 -8.69
CA MET A 131 -15.01 -38.95 -10.13
C MET A 131 -15.06 -40.28 -10.89
N LYS A 132 -14.16 -41.19 -10.54
CA LYS A 132 -14.08 -42.52 -11.18
C LYS A 132 -15.31 -43.39 -10.95
N ASP A 133 -15.91 -43.26 -9.76
CA ASP A 133 -17.08 -44.07 -9.42
C ASP A 133 -18.34 -43.77 -10.20
N TYR A 134 -18.61 -42.48 -10.39
CA TYR A 134 -19.79 -42.07 -11.11
C TYR A 134 -19.54 -41.83 -12.59
N GLY A 135 -18.27 -41.86 -12.98
CA GLY A 135 -17.91 -41.66 -14.38
C GLY A 135 -17.64 -40.21 -14.85
N PHE A 136 -17.31 -39.29 -13.94
CA PHE A 136 -17.03 -37.90 -14.33
C PHE A 136 -15.64 -37.74 -14.96
N ASP A 137 -15.41 -36.61 -15.64
CA ASP A 137 -14.14 -36.38 -16.34
C ASP A 137 -13.25 -35.36 -15.67
N GLY A 138 -13.72 -34.82 -14.54
CA GLY A 138 -12.93 -33.85 -13.82
C GLY A 138 -13.67 -33.36 -12.59
N VAL A 139 -12.97 -32.51 -11.83
CA VAL A 139 -13.44 -31.92 -10.58
C VAL A 139 -13.48 -30.37 -10.63
N ASP A 140 -14.58 -29.78 -10.19
CA ASP A 140 -14.69 -28.33 -10.15
C ASP A 140 -15.06 -27.98 -8.71
N ILE A 141 -14.29 -27.09 -8.08
CA ILE A 141 -14.59 -26.68 -6.70
C ILE A 141 -15.25 -25.28 -6.69
N ASN A 142 -16.44 -25.18 -6.12
CA ASN A 142 -17.17 -23.93 -6.06
C ASN A 142 -17.47 -23.55 -4.60
N TRP A 143 -16.40 -23.27 -3.87
CA TRP A 143 -16.53 -22.87 -2.46
C TRP A 143 -16.66 -21.35 -2.47
N GLU A 144 -17.79 -20.85 -2.01
CA GLU A 144 -18.02 -19.40 -1.98
C GLU A 144 -18.00 -18.82 -0.56
N TYR A 145 -16.83 -18.47 -0.02
CA TYR A 145 -15.52 -18.61 -0.67
C TYR A 145 -14.58 -18.85 0.51
N PRO A 146 -13.38 -19.38 0.26
CA PRO A 146 -12.46 -19.60 1.38
C PRO A 146 -12.03 -18.23 1.89
N GLN A 147 -11.93 -18.11 3.22
CA GLN A 147 -11.53 -16.85 3.85
C GLN A 147 -10.02 -16.78 3.69
N ALA A 148 -9.43 -15.62 3.95
CA ALA A 148 -8.00 -15.45 3.81
C ALA A 148 -7.17 -16.47 4.62
N ALA A 149 -7.63 -16.77 5.82
CA ALA A 149 -6.92 -17.71 6.69
C ALA A 149 -6.99 -19.15 6.19
N GLU A 150 -8.02 -19.46 5.42
CA GLU A 150 -8.24 -20.79 4.90
C GLU A 150 -7.65 -20.97 3.50
N VAL A 151 -7.10 -19.91 2.94
CA VAL A 151 -6.55 -19.99 1.60
C VAL A 151 -5.36 -20.93 1.41
N ASP A 152 -4.42 -20.95 2.34
CA ASP A 152 -3.27 -21.84 2.17
C ASP A 152 -3.69 -23.31 2.17
N GLY A 153 -4.70 -23.65 2.95
CA GLY A 153 -5.19 -25.01 3.01
C GLY A 153 -5.92 -25.32 1.71
N PHE A 154 -6.64 -24.34 1.22
CA PHE A 154 -7.39 -24.45 -0.05
C PHE A 154 -6.39 -24.76 -1.16
N ILE A 155 -5.31 -23.98 -1.25
CA ILE A 155 -4.29 -24.15 -2.27
C ILE A 155 -3.65 -25.55 -2.22
N ALA A 156 -3.30 -26.01 -1.02
CA ALA A 156 -2.66 -27.31 -0.90
C ALA A 156 -3.66 -28.36 -1.31
N ALA A 157 -4.93 -28.14 -0.99
CA ALA A 157 -5.94 -29.10 -1.37
C ALA A 157 -5.97 -29.22 -2.90
N LEU A 158 -5.94 -28.09 -3.61
CA LEU A 158 -6.00 -28.10 -5.06
C LEU A 158 -4.74 -28.77 -5.65
N GLN A 159 -3.58 -28.50 -5.05
CA GLN A 159 -2.33 -29.06 -5.52
C GLN A 159 -2.36 -30.58 -5.38
N GLU A 160 -2.98 -31.05 -4.30
CA GLU A 160 -3.09 -32.49 -4.03
C GLU A 160 -4.05 -33.18 -5.01
N ILE A 161 -5.17 -32.53 -5.32
CA ILE A 161 -6.11 -33.13 -6.26
C ILE A 161 -5.40 -33.18 -7.61
N ARG A 162 -4.69 -32.11 -7.95
CA ARG A 162 -3.95 -32.07 -9.23
C ARG A 162 -3.01 -33.29 -9.34
N THR A 163 -2.19 -33.48 -8.29
CA THR A 163 -1.27 -34.61 -8.27
C THR A 163 -2.00 -35.93 -8.55
N LEU A 164 -3.05 -36.21 -7.80
CA LEU A 164 -3.79 -37.46 -8.00
C LEU A 164 -4.51 -37.58 -9.37
N LEU A 165 -4.99 -36.46 -9.92
CA LEU A 165 -5.69 -36.52 -11.20
C LEU A 165 -4.70 -36.81 -12.31
N ASN A 166 -3.52 -36.19 -12.28
CA ASN A 166 -2.53 -36.46 -13.31
C ASN A 166 -2.08 -37.92 -13.22
N GLN A 167 -2.07 -38.49 -12.01
CA GLN A 167 -1.70 -39.89 -11.86
C GLN A 167 -2.80 -40.75 -12.48
N GLN A 168 -4.04 -40.43 -12.17
CA GLN A 168 -5.18 -41.18 -12.71
C GLN A 168 -5.21 -41.07 -14.24
N THR A 169 -4.87 -39.90 -14.79
CA THR A 169 -4.86 -39.73 -16.25
C THR A 169 -3.87 -40.73 -16.90
N ILE A 170 -2.68 -40.86 -16.33
CA ILE A 170 -1.69 -41.79 -16.89
C ILE A 170 -2.19 -43.21 -16.67
N THR A 171 -2.71 -43.49 -15.47
CA THR A 171 -3.24 -44.81 -15.16
C THR A 171 -4.42 -45.23 -16.07
N ASP A 172 -5.23 -44.27 -16.49
CA ASP A 172 -6.40 -44.57 -17.34
C ASP A 172 -6.16 -44.30 -18.86
N GLY A 173 -4.91 -44.03 -19.22
CA GLY A 173 -4.60 -43.79 -20.62
C GLY A 173 -5.39 -42.64 -21.24
N ARG A 174 -5.61 -41.58 -20.46
CA ARG A 174 -6.40 -40.43 -20.90
C ARG A 174 -5.58 -39.24 -21.39
N GLN A 175 -4.38 -39.51 -21.91
CA GLN A 175 -3.53 -38.46 -22.44
C GLN A 175 -4.32 -37.60 -23.45
N ALA A 176 -5.24 -38.23 -24.18
CA ALA A 176 -6.05 -37.54 -25.19
C ALA A 176 -7.07 -36.58 -24.58
N LEU A 177 -7.62 -36.93 -23.42
CA LEU A 177 -8.61 -36.10 -22.74
C LEU A 177 -8.31 -36.21 -21.24
N PRO A 178 -7.22 -35.57 -20.78
CA PRO A 178 -6.82 -35.62 -19.37
C PRO A 178 -7.89 -35.16 -18.42
N TYR A 179 -7.91 -35.74 -17.23
CA TYR A 179 -8.89 -35.36 -16.21
C TYR A 179 -8.55 -33.91 -15.88
N GLN A 180 -9.55 -33.09 -15.59
CA GLN A 180 -9.27 -31.68 -15.28
C GLN A 180 -9.73 -31.25 -13.89
N LEU A 181 -9.15 -30.14 -13.44
CA LEU A 181 -9.49 -29.52 -12.15
C LEU A 181 -9.68 -28.04 -12.43
N THR A 182 -10.81 -27.50 -11.99
CA THR A 182 -11.12 -26.09 -12.14
C THR A 182 -11.82 -25.63 -10.86
N ILE A 183 -12.01 -24.33 -10.73
CA ILE A 183 -12.78 -23.79 -9.61
C ILE A 183 -13.62 -22.68 -10.22
N ALA A 184 -14.70 -22.34 -9.54
CA ALA A 184 -15.55 -21.24 -9.96
C ALA A 184 -15.06 -20.14 -9.03
N GLY A 185 -14.54 -19.04 -9.57
CA GLY A 185 -14.06 -17.98 -8.70
C GLY A 185 -14.96 -16.75 -8.65
N ALA A 186 -14.75 -15.91 -7.63
CA ALA A 186 -15.53 -14.67 -7.48
C ALA A 186 -15.41 -13.82 -8.75
N GLY A 187 -16.48 -13.11 -9.11
CA GLY A 187 -16.45 -12.24 -10.29
C GLY A 187 -16.53 -10.75 -9.92
N GLY A 188 -16.40 -10.46 -8.62
CA GLY A 188 -16.45 -9.11 -8.07
C GLY A 188 -15.36 -8.95 -7.00
N ALA A 189 -14.81 -7.75 -6.88
CA ALA A 189 -13.73 -7.46 -5.95
C ALA A 189 -13.95 -7.72 -4.45
N PHE A 190 -15.18 -7.61 -3.97
CA PHE A 190 -15.39 -7.83 -2.54
C PHE A 190 -15.06 -9.26 -2.12
N PHE A 191 -15.67 -10.25 -2.77
CA PHE A 191 -15.33 -11.64 -2.45
C PHE A 191 -13.96 -12.04 -2.97
N LEU A 192 -13.57 -11.47 -4.12
CA LEU A 192 -12.26 -11.79 -4.68
C LEU A 192 -11.13 -11.39 -3.73
N SER A 193 -11.31 -10.29 -3.00
CA SER A 193 -10.27 -9.81 -2.07
C SER A 193 -9.90 -10.86 -0.99
N ARG A 194 -10.74 -11.87 -0.78
CA ARG A 194 -10.43 -12.90 0.23
C ARG A 194 -9.18 -13.70 -0.10
N TYR A 195 -8.97 -14.01 -1.38
CA TYR A 195 -7.82 -14.81 -1.81
C TYR A 195 -6.99 -14.19 -2.92
N TYR A 196 -7.29 -12.95 -3.26
CA TYR A 196 -6.61 -12.26 -4.36
C TYR A 196 -5.09 -12.27 -4.32
N SER A 197 -4.53 -12.11 -3.13
CA SER A 197 -3.09 -12.05 -3.00
C SER A 197 -2.40 -13.35 -3.40
N LYS A 198 -3.12 -14.47 -3.35
CA LYS A 198 -2.54 -15.76 -3.71
C LYS A 198 -3.14 -16.38 -5.00
N LEU A 199 -3.67 -15.51 -5.84
CA LEU A 199 -4.28 -15.92 -7.12
C LEU A 199 -3.40 -16.85 -7.94
N ALA A 200 -2.14 -16.48 -8.10
CA ALA A 200 -1.20 -17.27 -8.89
C ALA A 200 -1.09 -18.72 -8.40
N GLN A 201 -1.05 -18.89 -7.08
CA GLN A 201 -0.94 -20.22 -6.48
C GLN A 201 -2.26 -21.00 -6.60
N ILE A 202 -3.36 -20.26 -6.55
CA ILE A 202 -4.69 -20.88 -6.68
C ILE A 202 -4.91 -21.36 -8.13
N VAL A 203 -4.42 -20.59 -9.10
CA VAL A 203 -4.61 -20.92 -10.52
C VAL A 203 -3.60 -21.95 -11.08
N ALA A 204 -2.42 -22.04 -10.50
CA ALA A 204 -1.41 -22.97 -11.01
C ALA A 204 -1.91 -24.40 -11.22
N PRO A 205 -2.60 -24.99 -10.23
CA PRO A 205 -3.08 -26.37 -10.44
C PRO A 205 -4.35 -26.57 -11.27
N LEU A 206 -4.87 -25.47 -11.81
CA LEU A 206 -6.13 -25.55 -12.54
C LEU A 206 -5.98 -25.48 -14.04
N ASP A 207 -6.92 -26.10 -14.73
CA ASP A 207 -6.97 -25.98 -16.19
C ASP A 207 -7.67 -24.64 -16.46
N TYR A 208 -8.62 -24.28 -15.61
CA TYR A 208 -9.35 -23.01 -15.76
C TYR A 208 -9.87 -22.46 -14.42
N ILE A 209 -10.02 -21.14 -14.34
CA ILE A 209 -10.67 -20.54 -13.19
C ILE A 209 -11.89 -19.92 -13.89
N ASN A 210 -13.06 -20.38 -13.49
CA ASN A 210 -14.34 -19.97 -14.06
C ASN A 210 -14.89 -18.79 -13.26
N LEU A 211 -14.76 -17.60 -13.82
CA LEU A 211 -15.19 -16.40 -13.11
C LEU A 211 -16.68 -16.20 -13.09
N MET A 212 -17.24 -16.07 -11.90
CA MET A 212 -18.66 -15.85 -11.83
C MET A 212 -18.93 -14.36 -12.00
N THR A 213 -18.67 -13.88 -13.21
CA THR A 213 -18.87 -12.47 -13.53
C THR A 213 -20.33 -12.16 -13.84
N TYR A 214 -21.13 -12.25 -12.79
CA TYR A 214 -22.56 -11.95 -12.77
C TYR A 214 -22.97 -11.78 -11.29
N ASP A 215 -24.26 -11.59 -11.01
CA ASP A 215 -24.69 -11.29 -9.63
C ASP A 215 -23.92 -10.04 -9.13
N LEU A 216 -23.60 -9.12 -10.04
CA LEU A 216 -22.89 -7.91 -9.64
C LEU A 216 -23.92 -6.87 -9.23
N ALA A 217 -25.20 -7.24 -9.31
CA ALA A 217 -26.29 -6.38 -8.91
C ALA A 217 -27.37 -7.32 -8.43
N GLY A 218 -28.24 -6.81 -7.55
CA GLY A 218 -29.31 -7.64 -7.04
C GLY A 218 -30.01 -6.87 -5.94
N PRO A 219 -31.14 -7.37 -5.41
CA PRO A 219 -31.93 -6.74 -4.36
C PRO A 219 -31.14 -6.30 -3.13
N TRP A 220 -30.01 -6.97 -2.89
CA TRP A 220 -29.16 -6.64 -1.77
C TRP A 220 -28.44 -5.29 -1.91
N GLU A 221 -28.56 -4.68 -3.09
CA GLU A 221 -27.94 -3.37 -3.34
C GLU A 221 -29.06 -2.34 -3.36
N LYS A 222 -28.77 -1.14 -2.88
CA LYS A 222 -29.77 -0.06 -2.82
C LYS A 222 -30.18 0.51 -4.18
N VAL A 223 -29.30 0.44 -5.17
CA VAL A 223 -29.64 0.95 -6.48
C VAL A 223 -29.70 -0.18 -7.51
N THR A 224 -30.80 -0.23 -8.28
CA THR A 224 -30.93 -1.23 -9.33
C THR A 224 -29.73 -1.04 -10.25
N ASN A 225 -29.27 -2.12 -10.87
CA ASN A 225 -28.13 -2.03 -11.78
C ASN A 225 -28.08 -3.31 -12.61
N HIS A 226 -27.26 -3.31 -13.63
CA HIS A 226 -27.08 -4.48 -14.48
C HIS A 226 -26.25 -5.47 -13.69
N GLN A 227 -26.69 -6.72 -13.65
CA GLN A 227 -25.97 -7.72 -12.88
C GLN A 227 -24.68 -8.22 -13.57
N ALA A 228 -24.58 -7.99 -14.87
CA ALA A 228 -23.40 -8.40 -15.60
C ALA A 228 -22.96 -7.44 -16.70
N ALA A 229 -22.89 -6.14 -16.41
CA ALA A 229 -22.43 -5.16 -17.40
C ALA A 229 -21.04 -5.56 -17.90
N LEU A 230 -20.80 -5.50 -19.22
CA LEU A 230 -19.47 -5.85 -19.74
C LEU A 230 -18.50 -4.70 -19.38
N PHE A 231 -18.94 -3.48 -19.66
CA PHE A 231 -18.20 -2.24 -19.38
C PHE A 231 -19.06 -1.31 -18.52
N GLY A 232 -18.42 -0.31 -17.94
CA GLY A 232 -19.15 0.60 -17.08
C GLY A 232 -19.91 1.72 -17.76
N ASP A 233 -20.91 2.20 -17.05
CA ASP A 233 -21.75 3.30 -17.49
C ASP A 233 -21.55 4.38 -16.41
N ALA A 234 -21.06 5.54 -16.81
CA ALA A 234 -20.85 6.63 -15.84
C ALA A 234 -22.13 6.97 -15.08
N ALA A 235 -23.30 6.74 -15.67
CA ALA A 235 -24.54 7.04 -14.99
C ALA A 235 -24.90 6.03 -13.88
N GLY A 236 -24.25 4.87 -13.87
CA GLY A 236 -24.61 3.88 -12.86
C GLY A 236 -23.86 3.99 -11.54
N PRO A 237 -24.15 3.09 -10.58
CA PRO A 237 -23.42 3.19 -9.31
C PRO A 237 -21.96 2.74 -9.43
N THR A 238 -21.11 3.18 -8.50
CA THR A 238 -19.69 2.78 -8.51
C THR A 238 -19.37 2.19 -7.15
N PHE A 239 -18.26 1.45 -7.05
CA PHE A 239 -17.95 0.77 -5.82
C PHE A 239 -16.56 0.93 -5.25
N TYR A 240 -16.48 0.68 -3.95
CA TYR A 240 -15.23 0.74 -3.23
C TYR A 240 -14.41 -0.43 -3.76
N ASN A 241 -13.17 -0.17 -4.16
CA ASN A 241 -12.32 -1.22 -4.68
C ASN A 241 -11.59 -1.99 -3.58
N ALA A 242 -12.27 -3.01 -3.05
CA ALA A 242 -11.73 -3.83 -1.97
C ALA A 242 -10.33 -4.40 -2.20
N LEU A 243 -9.94 -4.55 -3.45
CA LEU A 243 -8.62 -5.12 -3.72
C LEU A 243 -7.45 -4.27 -3.16
N ARG A 244 -7.64 -2.95 -3.06
CA ARG A 244 -6.57 -2.10 -2.53
C ARG A 244 -6.29 -2.39 -1.04
N GLU A 245 -7.15 -3.22 -0.43
CA GLU A 245 -7.00 -3.62 0.97
C GLU A 245 -6.49 -5.08 1.14
N ALA A 246 -6.21 -5.73 0.00
CA ALA A 246 -5.71 -7.10 0.02
C ALA A 246 -4.30 -7.09 0.60
N ASN A 247 -3.88 -8.19 1.22
CA ASN A 247 -2.54 -8.27 1.79
C ASN A 247 -1.51 -8.50 0.69
N LEU A 248 -1.23 -7.43 -0.06
CA LEU A 248 -0.30 -7.52 -1.17
C LEU A 248 1.13 -7.06 -0.83
N GLY A 249 1.27 -6.26 0.22
CA GLY A 249 2.57 -5.76 0.58
C GLY A 249 3.09 -4.75 -0.45
N TRP A 250 2.19 -4.09 -1.19
CA TRP A 250 2.58 -3.09 -2.20
C TRP A 250 2.52 -1.69 -1.59
N SER A 251 3.15 -0.73 -2.26
CA SER A 251 3.19 0.65 -1.77
C SER A 251 1.91 1.41 -2.12
N TRP A 252 1.70 2.58 -1.52
CA TRP A 252 0.52 3.37 -1.79
C TRP A 252 0.37 3.59 -3.31
N GLU A 253 1.47 3.99 -3.97
CA GLU A 253 1.47 4.23 -5.42
C GLU A 253 1.06 3.00 -6.21
N GLU A 254 1.67 1.86 -5.88
CA GLU A 254 1.36 0.62 -6.57
C GLU A 254 -0.11 0.27 -6.36
N LEU A 255 -0.59 0.33 -5.12
CA LEU A 255 -1.99 0.01 -4.84
C LEU A 255 -2.94 0.94 -5.57
N THR A 256 -2.68 2.25 -5.53
CA THR A 256 -3.57 3.20 -6.18
C THR A 256 -3.65 3.02 -7.70
N ARG A 257 -2.52 2.73 -8.34
CA ARG A 257 -2.53 2.56 -9.79
C ARG A 257 -3.17 1.24 -10.22
N ALA A 258 -3.08 0.22 -9.39
CA ALA A 258 -3.69 -1.06 -9.72
C ALA A 258 -5.17 -1.10 -9.39
N PHE A 259 -5.58 -0.35 -8.36
CA PHE A 259 -6.96 -0.39 -7.92
C PHE A 259 -7.68 0.95 -7.78
N PRO A 260 -8.17 1.51 -8.90
CA PRO A 260 -8.88 2.78 -8.78
C PRO A 260 -10.15 2.56 -7.94
N SER A 261 -10.51 3.54 -7.13
CA SER A 261 -11.69 3.45 -6.31
C SER A 261 -12.27 4.86 -6.14
N PRO A 262 -13.60 5.01 -6.30
CA PRO A 262 -14.47 3.87 -6.63
C PRO A 262 -14.33 3.44 -8.08
N PHE A 263 -14.89 2.28 -8.43
CA PHE A 263 -14.78 1.79 -9.79
C PHE A 263 -16.12 1.16 -10.21
N SER A 264 -16.26 0.83 -11.48
CA SER A 264 -17.50 0.22 -11.96
C SER A 264 -17.37 -1.31 -11.86
N LEU A 265 -18.31 -1.93 -11.15
CA LEU A 265 -18.34 -3.39 -10.96
C LEU A 265 -18.86 -4.04 -12.26
N THR A 266 -17.93 -4.46 -13.12
CA THR A 266 -18.26 -5.01 -14.41
C THR A 266 -17.48 -6.29 -14.68
N VAL A 267 -17.86 -6.97 -15.76
CA VAL A 267 -17.18 -8.19 -16.21
C VAL A 267 -15.75 -7.86 -16.57
N ASP A 268 -15.56 -6.76 -17.30
CA ASP A 268 -14.22 -6.34 -17.72
C ASP A 268 -13.32 -6.09 -16.49
N ALA A 269 -13.90 -5.51 -15.45
CA ALA A 269 -13.12 -5.24 -14.24
C ALA A 269 -12.60 -6.53 -13.62
N ALA A 270 -13.46 -7.55 -13.52
CA ALA A 270 -13.04 -8.81 -12.91
C ALA A 270 -11.92 -9.47 -13.74
N VAL A 271 -12.08 -9.47 -15.06
CA VAL A 271 -11.10 -10.10 -15.96
C VAL A 271 -9.77 -9.38 -15.84
N GLN A 272 -9.82 -8.05 -15.92
CA GLN A 272 -8.59 -7.26 -15.82
C GLN A 272 -7.93 -7.42 -14.46
N GLN A 273 -8.73 -7.48 -13.40
CA GLN A 273 -8.21 -7.64 -12.06
C GLN A 273 -7.44 -8.94 -11.96
N HIS A 274 -7.90 -9.97 -12.66
CA HIS A 274 -7.20 -11.25 -12.64
C HIS A 274 -5.93 -11.14 -13.48
N LEU A 275 -6.02 -10.51 -14.64
CA LEU A 275 -4.86 -10.36 -15.53
C LEU A 275 -3.75 -9.50 -14.92
N MET A 276 -4.09 -8.69 -13.91
CA MET A 276 -3.11 -7.81 -13.24
C MET A 276 -2.10 -8.55 -12.38
N MET A 277 -2.42 -9.78 -12.01
CA MET A 277 -1.52 -10.56 -11.18
C MET A 277 -0.60 -11.40 -12.03
N GLU A 278 0.68 -11.44 -11.65
CA GLU A 278 1.68 -12.21 -12.38
C GLU A 278 1.37 -13.69 -12.22
N GLY A 279 1.52 -14.46 -13.28
CA GLY A 279 1.25 -15.90 -13.18
C GLY A 279 -0.20 -16.35 -13.29
N VAL A 280 -1.07 -15.49 -13.82
CA VAL A 280 -2.48 -15.87 -14.03
C VAL A 280 -2.63 -15.72 -15.53
N PRO A 281 -2.34 -16.78 -16.31
CA PRO A 281 -2.45 -16.69 -17.77
C PRO A 281 -3.88 -16.49 -18.28
N SER A 282 -4.04 -15.65 -19.29
CA SER A 282 -5.34 -15.37 -19.85
C SER A 282 -6.02 -16.65 -20.35
N ALA A 283 -5.25 -17.57 -20.90
CA ALA A 283 -5.82 -18.80 -21.42
C ALA A 283 -6.54 -19.65 -20.36
N LYS A 284 -6.30 -19.37 -19.09
CA LYS A 284 -6.94 -20.12 -18.02
C LYS A 284 -8.16 -19.40 -17.48
N ILE A 285 -8.33 -18.15 -17.87
CA ILE A 285 -9.47 -17.40 -17.37
C ILE A 285 -10.70 -17.65 -18.24
N VAL A 286 -11.79 -18.04 -17.60
CA VAL A 286 -13.03 -18.30 -18.31
C VAL A 286 -14.06 -17.30 -17.83
N MET A 287 -14.74 -16.64 -18.76
CA MET A 287 -15.75 -15.64 -18.38
C MET A 287 -17.12 -16.27 -18.14
N GLY A 288 -17.71 -16.07 -16.97
CA GLY A 288 -19.02 -16.66 -16.74
C GLY A 288 -20.10 -15.68 -17.22
N VAL A 289 -21.20 -16.21 -17.72
CA VAL A 289 -22.35 -15.40 -18.12
C VAL A 289 -23.57 -16.08 -17.49
N PRO A 290 -24.61 -15.30 -17.14
CA PRO A 290 -25.81 -15.89 -16.53
C PRO A 290 -26.90 -16.22 -17.54
N PHE A 291 -27.61 -17.34 -17.31
CA PHE A 291 -28.72 -17.72 -18.17
C PHE A 291 -30.01 -17.37 -17.47
N TYR A 292 -29.93 -16.41 -16.53
CA TYR A 292 -31.08 -15.99 -15.73
C TYR A 292 -31.05 -14.49 -15.45
N GLY A 293 -32.20 -13.91 -15.09
CA GLY A 293 -32.24 -12.48 -14.78
C GLY A 293 -32.57 -12.22 -13.32
N ARG A 294 -32.26 -11.02 -12.84
CA ARG A 294 -32.59 -10.64 -11.48
C ARG A 294 -33.61 -9.52 -11.59
N ALA A 295 -34.66 -9.62 -10.77
CA ALA A 295 -35.76 -8.67 -10.82
C ALA A 295 -35.90 -7.84 -9.56
N PHE A 296 -36.31 -6.59 -9.77
CA PHE A 296 -36.51 -5.61 -8.70
C PHE A 296 -37.91 -5.00 -8.86
N LYS A 297 -38.57 -4.65 -7.74
CA LYS A 297 -39.89 -4.00 -7.79
C LYS A 297 -39.82 -2.64 -7.11
N GLY A 298 -40.84 -1.83 -7.31
CA GLY A 298 -40.87 -0.51 -6.71
C GLY A 298 -39.84 0.44 -7.29
N VAL A 299 -39.51 0.26 -8.58
CA VAL A 299 -38.54 1.10 -9.23
C VAL A 299 -39.20 2.37 -9.77
N SER A 300 -38.40 3.41 -9.99
CA SER A 300 -38.88 4.69 -10.49
C SER A 300 -38.57 4.83 -11.98
N GLY A 301 -39.38 5.61 -12.69
CA GLY A 301 -39.16 5.80 -14.11
C GLY A 301 -38.12 6.87 -14.38
N GLY A 302 -37.80 7.06 -15.65
CA GLY A 302 -36.82 8.07 -15.99
C GLY A 302 -35.67 7.51 -16.81
N ASN A 303 -35.15 6.36 -16.40
CA ASN A 303 -34.05 5.73 -17.11
C ASN A 303 -34.34 4.25 -17.28
N GLY A 304 -35.60 3.96 -17.61
CA GLY A 304 -36.01 2.59 -17.81
C GLY A 304 -35.85 1.66 -16.62
N GLY A 305 -35.92 2.20 -15.41
CA GLY A 305 -35.76 1.38 -14.22
C GLY A 305 -34.33 1.24 -13.76
N GLN A 306 -33.38 1.72 -14.57
CA GLN A 306 -31.97 1.65 -14.22
C GLN A 306 -31.55 2.64 -13.16
N TYR A 307 -30.66 2.20 -12.27
CA TYR A 307 -30.08 3.06 -11.24
C TYR A 307 -31.10 3.71 -10.35
N SER A 308 -32.17 3.00 -10.04
CA SER A 308 -33.22 3.55 -9.21
C SER A 308 -33.27 2.88 -7.86
N SER A 309 -33.92 3.58 -6.93
CA SER A 309 -34.12 3.05 -5.60
C SER A 309 -35.20 2.00 -5.89
N HIS A 310 -35.40 1.06 -4.98
CA HIS A 310 -36.39 0.02 -5.21
C HIS A 310 -36.82 -0.56 -3.86
N SER A 311 -37.91 -1.31 -3.85
CA SER A 311 -38.41 -1.90 -2.63
C SER A 311 -38.39 -3.43 -2.66
N THR A 312 -37.31 -4.00 -3.19
CA THR A 312 -37.22 -5.45 -3.28
C THR A 312 -36.62 -6.06 -2.02
N PRO A 313 -37.28 -7.06 -1.43
CA PRO A 313 -36.76 -7.71 -0.22
C PRO A 313 -35.41 -8.34 -0.59
N GLY A 314 -34.44 -8.27 0.32
CA GLY A 314 -33.13 -8.86 0.05
C GLY A 314 -32.90 -10.18 0.76
N GLU A 315 -33.85 -10.57 1.60
CA GLU A 315 -33.79 -11.81 2.38
C GLU A 315 -33.88 -13.10 1.57
N ASP A 316 -33.20 -14.12 2.05
CA ASP A 316 -33.19 -15.46 1.47
C ASP A 316 -33.50 -16.38 2.65
N PRO A 317 -34.56 -17.20 2.56
CA PRO A 317 -35.53 -17.36 1.46
C PRO A 317 -36.41 -16.13 1.25
N TYR A 318 -37.03 -16.04 0.07
CA TYR A 318 -37.89 -14.89 -0.21
C TYR A 318 -38.85 -14.79 0.96
N PRO A 319 -38.90 -13.62 1.62
CA PRO A 319 -39.79 -13.44 2.78
C PRO A 319 -41.21 -13.01 2.41
N SER A 320 -41.97 -13.90 1.78
CA SER A 320 -43.34 -13.56 1.38
C SER A 320 -43.93 -14.56 0.38
N THR A 321 -45.23 -14.42 0.13
CA THR A 321 -45.93 -15.29 -0.81
C THR A 321 -46.51 -14.37 -1.88
N ASP A 322 -45.98 -13.15 -1.90
CA ASP A 322 -46.38 -12.14 -2.86
C ASP A 322 -45.46 -12.25 -4.06
N TYR A 323 -45.96 -12.87 -5.14
CA TYR A 323 -45.19 -13.04 -6.36
C TYR A 323 -45.56 -11.96 -7.37
N TRP A 324 -44.86 -10.83 -7.25
CA TRP A 324 -45.07 -9.65 -8.07
C TRP A 324 -44.41 -9.59 -9.45
N LEU A 325 -43.66 -10.62 -9.84
CA LEU A 325 -43.06 -10.56 -11.17
C LEU A 325 -44.12 -11.04 -12.13
N VAL A 326 -44.84 -10.06 -12.71
CA VAL A 326 -45.92 -10.30 -13.66
C VAL A 326 -45.54 -11.28 -14.76
N GLY A 327 -46.36 -12.32 -14.95
CA GLY A 327 -46.11 -13.30 -15.98
C GLY A 327 -45.11 -14.38 -15.64
N CYS A 328 -44.36 -14.20 -14.56
CA CYS A 328 -43.37 -15.22 -14.19
C CYS A 328 -43.99 -16.38 -13.41
N GLU A 329 -44.54 -17.35 -14.15
CA GLU A 329 -45.17 -18.53 -13.55
C GLU A 329 -44.11 -19.34 -12.78
N GLU A 330 -42.90 -19.37 -13.32
CA GLU A 330 -41.78 -20.09 -12.69
C GLU A 330 -41.48 -19.54 -11.29
N CYS A 331 -41.68 -18.24 -11.09
CA CYS A 331 -41.44 -17.58 -9.81
C CYS A 331 -42.38 -18.07 -8.73
N VAL A 332 -43.59 -18.42 -9.15
CA VAL A 332 -44.59 -18.95 -8.24
C VAL A 332 -44.17 -20.38 -7.88
N ARG A 333 -43.71 -21.15 -8.87
CA ARG A 333 -43.26 -22.52 -8.62
C ARG A 333 -42.08 -22.57 -7.65
N ASP A 334 -41.10 -21.68 -7.84
CA ASP A 334 -39.92 -21.64 -6.98
C ASP A 334 -40.03 -20.68 -5.80
N LYS A 335 -41.17 -20.00 -5.71
CA LYS A 335 -41.45 -19.07 -4.62
C LYS A 335 -40.43 -17.92 -4.45
N ASP A 336 -40.09 -17.28 -5.55
CA ASP A 336 -39.18 -16.14 -5.51
C ASP A 336 -39.38 -15.32 -6.77
N PRO A 337 -39.93 -14.11 -6.62
CA PRO A 337 -40.12 -13.36 -7.86
C PRO A 337 -38.90 -12.53 -8.24
N ARG A 338 -37.77 -12.73 -7.56
CA ARG A 338 -36.57 -11.93 -7.82
C ARG A 338 -35.62 -12.55 -8.83
N ILE A 339 -35.94 -13.75 -9.31
CA ILE A 339 -35.12 -14.46 -10.27
C ILE A 339 -36.00 -15.17 -11.28
N ALA A 340 -35.51 -15.25 -12.51
CA ALA A 340 -36.25 -15.89 -13.61
C ALA A 340 -35.24 -16.31 -14.66
N SER A 341 -35.43 -17.52 -15.18
CA SER A 341 -34.56 -18.09 -16.20
C SER A 341 -34.76 -17.34 -17.49
N TYR A 342 -33.80 -17.45 -18.40
CA TYR A 342 -33.93 -16.79 -19.67
C TYR A 342 -35.17 -17.38 -20.37
N ARG A 343 -35.40 -18.68 -20.18
CA ARG A 343 -36.56 -19.33 -20.79
C ARG A 343 -37.87 -18.61 -20.36
N GLN A 344 -38.02 -18.37 -19.06
CA GLN A 344 -39.19 -17.69 -18.53
C GLN A 344 -39.25 -16.22 -18.95
N LEU A 345 -38.11 -15.51 -18.91
CA LEU A 345 -38.09 -14.10 -19.32
C LEU A 345 -38.59 -13.98 -20.74
N GLU A 346 -38.12 -14.88 -21.58
CA GLU A 346 -38.54 -14.89 -22.97
C GLU A 346 -40.06 -15.06 -23.05
N GLN A 347 -40.60 -16.00 -22.29
CA GLN A 347 -42.03 -16.23 -22.28
C GLN A 347 -42.82 -15.06 -21.70
N MET A 348 -42.19 -14.25 -20.84
CA MET A 348 -42.85 -13.08 -20.27
C MET A 348 -42.93 -12.01 -21.35
N LEU A 349 -41.89 -11.97 -22.19
CA LEU A 349 -41.83 -11.02 -23.27
C LEU A 349 -42.86 -11.31 -24.37
N GLN A 350 -43.08 -12.59 -24.68
CA GLN A 350 -44.05 -12.90 -25.73
C GLN A 350 -45.50 -12.95 -25.24
N GLY A 351 -45.70 -12.83 -23.93
CA GLY A 351 -47.04 -12.85 -23.36
C GLY A 351 -47.59 -11.44 -23.29
N ASN A 352 -46.81 -10.49 -23.82
CA ASN A 352 -47.17 -9.07 -23.86
C ASN A 352 -47.83 -8.62 -22.55
N TYR A 353 -47.03 -8.59 -21.48
CA TYR A 353 -47.48 -8.18 -20.15
C TYR A 353 -47.10 -6.74 -19.85
N GLY A 354 -46.58 -6.03 -20.85
CA GLY A 354 -46.20 -4.64 -20.63
C GLY A 354 -44.72 -4.40 -20.38
N TYR A 355 -43.91 -5.46 -20.51
CA TYR A 355 -42.47 -5.33 -20.32
C TYR A 355 -41.88 -4.74 -21.59
N GLN A 356 -40.87 -3.87 -21.45
CA GLN A 356 -40.19 -3.29 -22.60
C GLN A 356 -38.73 -3.74 -22.59
N ARG A 357 -38.25 -4.33 -23.67
CA ARG A 357 -36.85 -4.72 -23.69
C ARG A 357 -36.03 -3.53 -24.15
N LEU A 358 -35.16 -3.06 -23.27
CA LEU A 358 -34.31 -1.92 -23.59
C LEU A 358 -32.86 -2.38 -23.65
N TRP A 359 -31.98 -1.50 -24.13
CA TRP A 359 -30.59 -1.84 -24.28
C TRP A 359 -29.70 -0.70 -23.80
N ASN A 360 -28.66 -1.03 -23.04
CA ASN A 360 -27.72 -0.02 -22.58
C ASN A 360 -26.48 -0.25 -23.47
N ASP A 361 -26.13 0.74 -24.29
CA ASP A 361 -25.00 0.56 -25.21
C ASP A 361 -23.62 0.84 -24.61
N LYS A 362 -23.60 1.12 -23.32
CA LYS A 362 -22.34 1.32 -22.60
C LYS A 362 -21.96 -0.06 -22.00
N THR A 363 -22.88 -0.61 -21.21
CA THR A 363 -22.68 -1.92 -20.57
C THR A 363 -22.83 -3.07 -21.56
N LYS A 364 -23.46 -2.80 -22.70
CA LYS A 364 -23.74 -3.80 -23.75
C LYS A 364 -24.60 -4.95 -23.20
N THR A 365 -25.62 -4.58 -22.44
CA THR A 365 -26.55 -5.56 -21.89
C THR A 365 -28.00 -5.12 -21.98
N PRO A 366 -28.94 -6.08 -22.07
CA PRO A 366 -30.36 -5.74 -22.16
C PRO A 366 -30.97 -5.72 -20.77
N TYR A 367 -32.21 -5.24 -20.66
CA TYR A 367 -32.92 -5.20 -19.39
C TYR A 367 -34.38 -5.00 -19.71
N LEU A 368 -35.25 -5.43 -18.80
CA LEU A 368 -36.67 -5.25 -19.02
C LEU A 368 -37.16 -4.12 -18.13
N TYR A 369 -38.19 -3.41 -18.58
CA TYR A 369 -38.77 -2.34 -17.79
C TYR A 369 -40.27 -2.46 -17.90
N HIS A 370 -40.96 -2.56 -16.77
CA HIS A 370 -42.41 -2.67 -16.76
C HIS A 370 -42.90 -1.37 -16.17
N ALA A 371 -43.20 -0.41 -17.04
CA ALA A 371 -43.66 0.89 -16.59
C ALA A 371 -44.85 0.86 -15.63
N GLN A 372 -45.89 0.11 -15.96
CA GLN A 372 -47.06 0.06 -15.09
C GLN A 372 -46.81 -0.34 -13.64
N ASN A 373 -46.06 -1.42 -13.42
CA ASN A 373 -45.80 -1.88 -12.06
C ASN A 373 -44.47 -1.45 -11.45
N GLY A 374 -43.72 -0.65 -12.18
CA GLY A 374 -42.43 -0.20 -11.68
C GLY A 374 -41.53 -1.39 -11.41
N LEU A 375 -41.25 -2.16 -12.46
CA LEU A 375 -40.37 -3.33 -12.34
C LEU A 375 -39.15 -3.19 -13.26
N PHE A 376 -38.02 -3.75 -12.82
CA PHE A 376 -36.78 -3.73 -13.60
C PHE A 376 -36.17 -5.12 -13.54
N VAL A 377 -35.69 -5.62 -14.68
CA VAL A 377 -35.07 -6.94 -14.76
C VAL A 377 -33.76 -6.85 -15.52
N THR A 378 -32.66 -7.25 -14.89
CA THR A 378 -31.36 -7.23 -15.55
C THR A 378 -31.04 -8.67 -15.95
N TYR A 379 -30.61 -8.87 -17.21
CA TYR A 379 -30.31 -10.20 -17.69
C TYR A 379 -29.42 -10.15 -18.91
N ASP A 380 -29.05 -11.32 -19.41
CA ASP A 380 -28.24 -11.41 -20.62
C ASP A 380 -29.00 -12.18 -21.72
N ASP A 381 -28.60 -11.96 -22.97
CA ASP A 381 -29.24 -12.64 -24.10
C ASP A 381 -28.23 -12.81 -25.26
N ALA A 382 -28.66 -13.33 -26.42
CA ALA A 382 -27.74 -13.52 -27.53
C ALA A 382 -27.04 -12.26 -28.00
N GLU A 383 -27.64 -11.09 -27.77
CA GLU A 383 -27.01 -9.87 -28.21
C GLU A 383 -25.86 -9.49 -27.27
N SER A 384 -26.11 -9.48 -25.97
CA SER A 384 -25.03 -9.15 -25.04
C SER A 384 -23.92 -10.18 -25.19
N PHE A 385 -24.26 -11.42 -25.58
CA PHE A 385 -23.22 -12.45 -25.77
C PHE A 385 -22.27 -12.16 -26.94
N LYS A 386 -22.70 -11.39 -27.94
CA LYS A 386 -21.79 -11.03 -29.05
C LYS A 386 -20.58 -10.23 -28.55
N TYR A 387 -20.83 -9.21 -27.73
CA TYR A 387 -19.75 -8.39 -27.19
C TYR A 387 -18.86 -9.19 -26.23
N LYS A 388 -19.49 -10.00 -25.38
CA LYS A 388 -18.70 -10.79 -24.43
C LYS A 388 -17.88 -11.85 -25.15
N ALA A 389 -18.40 -12.41 -26.25
CA ALA A 389 -17.62 -13.43 -26.99
C ALA A 389 -16.47 -12.72 -27.70
N LYS A 390 -16.74 -11.53 -28.24
CA LYS A 390 -15.67 -10.80 -28.91
C LYS A 390 -14.61 -10.43 -27.87
N TYR A 391 -15.04 -10.02 -26.67
CA TYR A 391 -14.11 -9.66 -25.59
C TYR A 391 -13.23 -10.88 -25.23
N ILE A 392 -13.84 -12.05 -25.15
CA ILE A 392 -13.13 -13.29 -24.86
C ILE A 392 -12.05 -13.54 -25.91
N LYS A 393 -12.37 -13.28 -27.17
CA LYS A 393 -11.41 -13.52 -28.23
C LYS A 393 -10.28 -12.49 -28.16
N GLN A 394 -10.64 -11.21 -28.02
CA GLN A 394 -9.64 -10.14 -27.95
C GLN A 394 -8.66 -10.27 -26.79
N GLN A 395 -9.17 -10.63 -25.61
CA GLN A 395 -8.36 -10.77 -24.42
C GLN A 395 -7.69 -12.14 -24.32
N GLN A 396 -7.88 -12.96 -25.34
CA GLN A 396 -7.28 -14.29 -25.36
C GLN A 396 -7.62 -15.12 -24.10
N LEU A 397 -8.89 -15.06 -23.70
CA LEU A 397 -9.33 -15.83 -22.54
C LEU A 397 -9.54 -17.29 -22.94
N GLY A 398 -9.65 -18.16 -21.94
CA GLY A 398 -9.86 -19.58 -22.22
C GLY A 398 -11.19 -19.90 -22.86
N GLY A 399 -12.21 -19.11 -22.56
CA GLY A 399 -13.53 -19.34 -23.12
C GLY A 399 -14.63 -18.76 -22.25
N VAL A 400 -15.82 -19.34 -22.35
CA VAL A 400 -16.98 -18.88 -21.60
C VAL A 400 -17.55 -20.00 -20.73
N MET A 401 -18.20 -19.62 -19.64
CA MET A 401 -18.84 -20.59 -18.74
C MET A 401 -20.22 -19.98 -18.44
N PHE A 402 -21.23 -20.79 -18.17
CA PHE A 402 -22.52 -20.21 -17.84
C PHE A 402 -23.30 -20.96 -16.77
N TRP A 403 -24.09 -20.22 -16.02
CA TRP A 403 -24.96 -20.80 -15.00
C TRP A 403 -26.41 -20.40 -15.35
N HIS A 404 -27.27 -21.36 -15.71
CA HIS A 404 -26.91 -22.75 -15.94
C HIS A 404 -27.75 -23.28 -17.10
N LEU A 405 -27.27 -24.36 -17.70
CA LEU A 405 -27.92 -24.98 -18.85
C LEU A 405 -29.43 -25.12 -18.76
N GLY A 406 -29.91 -25.58 -17.60
CA GLY A 406 -31.32 -25.79 -17.39
C GLY A 406 -32.20 -24.54 -17.51
N GLN A 407 -31.59 -23.37 -17.66
CA GLN A 407 -32.37 -22.13 -17.78
C GLN A 407 -32.45 -21.60 -19.21
N ASP A 408 -31.76 -22.24 -20.14
CA ASP A 408 -31.77 -21.82 -21.55
C ASP A 408 -33.18 -22.14 -22.09
N ASN A 409 -33.57 -21.62 -23.25
CA ASN A 409 -34.91 -21.98 -23.73
C ASN A 409 -34.89 -23.37 -24.39
N ARG A 410 -36.06 -23.92 -24.72
CA ARG A 410 -36.14 -25.24 -25.33
C ARG A 410 -35.32 -25.35 -26.60
N ASN A 411 -35.22 -24.24 -27.34
CA ASN A 411 -34.44 -24.26 -28.57
C ASN A 411 -32.92 -24.15 -28.36
N GLY A 412 -32.51 -23.93 -27.11
CA GLY A 412 -31.08 -23.78 -26.79
C GLY A 412 -30.42 -22.60 -27.48
N ASP A 413 -31.17 -21.50 -27.61
CA ASP A 413 -30.67 -20.29 -28.25
C ASP A 413 -29.45 -19.64 -27.58
N LEU A 414 -29.39 -19.63 -26.26
CA LEU A 414 -28.23 -19.00 -25.63
C LEU A 414 -26.96 -19.84 -25.87
N LEU A 415 -27.02 -21.16 -25.69
CA LEU A 415 -25.86 -22.02 -25.95
C LEU A 415 -25.47 -21.95 -27.44
N ALA A 416 -26.47 -22.01 -28.31
CA ALA A 416 -26.23 -21.93 -29.75
C ALA A 416 -25.47 -20.63 -30.12
N ALA A 417 -25.88 -19.52 -29.51
CA ALA A 417 -25.25 -18.23 -29.78
C ALA A 417 -23.76 -18.21 -29.39
N LEU A 418 -23.46 -18.74 -28.20
CA LEU A 418 -22.06 -18.80 -27.72
C LEU A 418 -21.23 -19.64 -28.70
N ASP A 419 -21.74 -20.82 -29.05
CA ASP A 419 -21.03 -21.69 -29.98
C ASP A 419 -20.86 -21.01 -31.34
N ARG A 420 -21.89 -20.32 -31.80
CA ARG A 420 -21.83 -19.59 -33.09
C ARG A 420 -20.72 -18.54 -33.12
N TYR A 421 -20.68 -17.72 -32.08
CA TYR A 421 -19.72 -16.62 -32.01
C TYR A 421 -18.27 -17.01 -32.02
N PHE A 422 -17.98 -18.22 -31.56
CA PHE A 422 -16.62 -18.73 -31.52
C PHE A 422 -16.31 -19.61 -32.73
N ASN A 423 -17.30 -20.41 -33.14
CA ASN A 423 -17.05 -21.39 -34.17
C ASN A 423 -17.70 -21.28 -35.56
N ALA A 424 -18.82 -20.58 -35.70
CA ALA A 424 -19.47 -20.53 -37.01
C ALA A 424 -18.61 -19.84 -38.09
N ALA A 425 -18.45 -20.51 -39.22
CA ALA A 425 -17.69 -20.01 -40.34
C ALA A 425 -18.36 -18.79 -40.98
N ASP A 426 -19.69 -18.71 -40.89
CA ASP A 426 -20.41 -17.60 -41.48
C ASP A 426 -20.74 -16.44 -40.53
N TYR A 427 -20.15 -16.45 -39.33
CA TYR A 427 -20.36 -15.37 -38.36
C TYR A 427 -19.09 -14.52 -38.37
N ASP A 428 -19.29 -13.23 -38.59
CA ASP A 428 -18.22 -12.25 -38.70
C ASP A 428 -18.44 -11.06 -37.74
N ASP A 429 -17.65 -10.98 -36.65
CA ASP A 429 -17.80 -9.87 -35.71
C ASP A 429 -16.67 -8.84 -35.81
N SER A 430 -15.91 -8.88 -36.89
CA SER A 430 -14.80 -7.95 -37.06
C SER A 430 -15.24 -6.48 -37.01
N GLN A 431 -16.50 -6.20 -37.37
CA GLN A 431 -17.00 -4.83 -37.35
C GLN A 431 -17.74 -4.48 -36.05
N LEU A 432 -17.96 -5.47 -35.19
CA LEU A 432 -18.69 -5.28 -33.93
C LEU A 432 -18.04 -4.17 -33.11
N ASP A 433 -18.82 -3.16 -32.75
CA ASP A 433 -18.26 -2.05 -32.00
C ASP A 433 -18.43 -2.24 -30.49
N MET A 434 -17.30 -2.35 -29.79
CA MET A 434 -17.27 -2.56 -28.34
C MET A 434 -17.75 -1.33 -27.53
N GLY A 435 -17.87 -0.17 -28.19
CA GLY A 435 -18.40 1.01 -27.52
C GLY A 435 -17.48 1.87 -26.67
N THR A 436 -18.09 2.81 -25.96
CA THR A 436 -17.33 3.73 -25.14
C THR A 436 -17.58 3.53 -23.64
N GLY A 437 -18.09 2.35 -23.27
CA GLY A 437 -18.31 2.06 -21.88
C GLY A 437 -16.97 2.10 -21.18
N LEU A 438 -16.99 2.37 -19.89
CA LEU A 438 -15.77 2.47 -19.09
C LEU A 438 -15.01 1.16 -18.95
N ARG A 439 -13.72 1.20 -19.26
CA ARG A 439 -12.84 0.05 -19.13
C ARG A 439 -12.13 0.17 -17.79
N TYR A 440 -11.75 -0.97 -17.22
CA TYR A 440 -11.01 -0.97 -15.96
C TYR A 440 -9.57 -0.60 -16.33
N THR A 441 -9.08 0.50 -15.77
CA THR A 441 -7.75 1.01 -16.07
C THR A 441 -6.56 0.57 -15.19
N GLY A 442 -6.80 -0.30 -14.21
CA GLY A 442 -5.74 -0.73 -13.33
C GLY A 442 -4.50 -1.36 -13.96
N VAL A 443 -3.33 -1.04 -13.44
CA VAL A 443 -2.08 -1.61 -13.93
C VAL A 443 -1.35 -2.26 -12.76
N GLY A 444 -0.94 -3.50 -12.96
CA GLY A 444 -0.24 -4.22 -11.91
C GLY A 444 0.92 -5.04 -12.45
N PRO A 445 1.50 -5.92 -11.62
CA PRO A 445 2.63 -6.79 -11.99
C PRO A 445 2.39 -7.62 -13.25
N GLY A 446 1.19 -8.22 -13.33
CA GLY A 446 0.85 -9.08 -14.45
C GLY A 446 0.54 -8.42 -15.78
N ASN A 447 0.34 -7.11 -15.81
CA ASN A 447 0.03 -6.45 -17.07
C ASN A 447 0.78 -5.15 -17.32
N LEU A 448 2.07 -5.09 -16.94
CA LEU A 448 2.86 -3.90 -17.18
C LEU A 448 2.99 -3.72 -18.70
N PRO A 449 2.77 -2.50 -19.21
CA PRO A 449 2.87 -2.27 -20.66
C PRO A 449 4.31 -2.26 -21.16
N ILE A 450 4.50 -2.68 -22.41
CA ILE A 450 5.82 -2.69 -23.02
C ILE A 450 6.34 -1.26 -23.09
N MET A 451 7.59 -1.08 -22.70
CA MET A 451 8.18 0.25 -22.74
C MET A 451 9.68 0.15 -22.99
N THR A 452 10.27 1.27 -23.36
CA THR A 452 11.72 1.38 -23.59
C THR A 452 12.22 2.62 -22.85
N ALA A 453 13.45 2.56 -22.32
CA ALA A 453 14.01 3.69 -21.58
C ALA A 453 15.52 3.51 -21.39
N PRO A 454 16.27 4.63 -21.31
CA PRO A 454 17.73 4.61 -21.13
C PRO A 454 18.09 3.74 -19.93
N ALA A 455 19.09 2.87 -20.09
CA ALA A 455 19.50 2.01 -18.99
C ALA A 455 19.94 2.84 -17.79
N TYR A 456 19.57 2.38 -16.60
CA TYR A 456 19.94 3.07 -15.36
C TYR A 456 21.46 3.14 -15.27
N VAL A 457 21.99 4.31 -14.92
CA VAL A 457 23.43 4.49 -14.81
C VAL A 457 23.89 4.72 -13.37
N PRO A 458 24.57 3.72 -12.77
CA PRO A 458 25.07 3.79 -11.40
C PRO A 458 25.91 5.04 -11.12
N GLY A 459 25.39 5.92 -10.27
CA GLY A 459 26.10 7.15 -9.95
C GLY A 459 25.42 8.39 -10.51
N THR A 460 24.33 8.17 -11.23
CA THR A 460 23.54 9.25 -11.85
C THR A 460 22.42 9.72 -10.93
N THR A 461 22.20 11.04 -10.89
CA THR A 461 21.12 11.59 -10.10
C THR A 461 20.00 11.84 -11.09
N TYR A 462 18.77 11.48 -10.72
CA TYR A 462 17.61 11.65 -11.59
C TYR A 462 16.56 12.57 -10.99
N ALA A 463 15.99 13.43 -11.83
CA ALA A 463 14.94 14.35 -11.40
C ALA A 463 13.65 13.54 -11.27
N GLN A 464 12.55 14.22 -10.90
CA GLN A 464 11.26 13.56 -10.74
C GLN A 464 10.54 13.19 -12.04
N GLY A 465 10.16 11.91 -12.16
CA GLY A 465 9.48 11.47 -13.37
C GLY A 465 10.41 10.85 -14.42
N ALA A 466 11.68 10.71 -14.07
CA ALA A 466 12.67 10.14 -14.97
C ALA A 466 12.44 8.65 -15.22
N LEU A 467 12.63 8.22 -16.47
CA LEU A 467 12.44 6.83 -16.83
C LEU A 467 13.76 6.13 -17.13
N VAL A 468 13.86 4.89 -16.71
CA VAL A 468 15.08 4.12 -16.92
C VAL A 468 14.76 2.63 -16.98
N SER A 469 15.63 1.86 -17.61
CA SER A 469 15.46 0.41 -17.67
C SER A 469 16.46 -0.21 -16.69
N TYR A 470 16.05 -1.26 -15.99
CA TYR A 470 16.93 -1.92 -15.03
C TYR A 470 16.34 -3.27 -14.70
N GLN A 471 17.19 -4.30 -14.69
CA GLN A 471 16.75 -5.64 -14.38
C GLN A 471 15.52 -6.09 -15.19
N GLY A 472 15.43 -5.63 -16.44
CA GLY A 472 14.33 -6.02 -17.31
C GLY A 472 13.06 -5.18 -17.33
N TYR A 473 12.94 -4.21 -16.42
CA TYR A 473 11.76 -3.36 -16.37
C TYR A 473 12.10 -1.88 -16.58
N VAL A 474 11.07 -1.07 -16.80
CA VAL A 474 11.23 0.37 -16.96
C VAL A 474 10.64 1.00 -15.69
N TRP A 475 11.43 1.87 -15.05
CA TRP A 475 11.03 2.52 -13.81
C TRP A 475 10.92 4.03 -13.94
N GLN A 476 10.21 4.64 -13.00
CA GLN A 476 10.02 6.08 -12.97
C GLN A 476 10.16 6.57 -11.53
N THR A 477 10.85 7.69 -11.33
CA THR A 477 11.04 8.24 -9.99
C THR A 477 9.76 8.97 -9.52
N LYS A 478 9.43 8.77 -8.24
CA LYS A 478 8.24 9.37 -7.60
C LYS A 478 8.47 10.80 -7.09
N TRP A 479 9.74 11.19 -6.97
CA TRP A 479 10.12 12.55 -6.53
C TRP A 479 11.55 12.84 -7.05
N GLY A 480 12.08 14.04 -6.80
CA GLY A 480 13.40 14.39 -7.33
C GLY A 480 14.68 14.06 -6.58
N TYR A 481 15.81 14.30 -7.25
CA TYR A 481 17.14 14.07 -6.70
C TYR A 481 17.42 12.64 -6.31
N ILE A 482 17.06 11.70 -7.18
CA ILE A 482 17.25 10.29 -6.87
C ILE A 482 18.67 9.81 -7.13
N THR A 483 19.31 9.29 -6.10
CA THR A 483 20.69 8.84 -6.24
C THR A 483 20.96 7.36 -6.13
N SER A 484 19.92 6.54 -6.02
CA SER A 484 20.20 5.11 -5.98
C SER A 484 19.40 4.31 -6.99
N ALA A 485 19.76 3.03 -7.13
CA ALA A 485 19.17 2.13 -8.11
C ALA A 485 17.75 1.60 -7.95
N PRO A 486 17.08 1.35 -9.09
CA PRO A 486 15.71 0.81 -9.09
C PRO A 486 15.76 -0.51 -8.33
N GLY A 487 14.86 -0.67 -7.38
CA GLY A 487 14.83 -1.88 -6.58
C GLY A 487 15.61 -1.71 -5.30
N SER A 488 16.51 -0.73 -5.28
CA SER A 488 17.34 -0.46 -4.10
C SER A 488 17.01 0.93 -3.52
N ASP A 489 15.98 1.56 -4.06
CA ASP A 489 15.54 2.89 -3.63
C ASP A 489 14.05 3.01 -3.95
N SER A 490 13.21 3.14 -2.91
CA SER A 490 11.77 3.24 -3.09
C SER A 490 11.28 4.50 -3.81
N ALA A 491 12.21 5.30 -4.30
CA ALA A 491 11.83 6.49 -5.05
C ALA A 491 11.46 6.07 -6.48
N TRP A 492 11.72 4.80 -6.82
CA TRP A 492 11.43 4.27 -8.18
C TRP A 492 10.15 3.45 -8.26
N LEU A 493 9.35 3.73 -9.27
CA LEU A 493 8.11 3.01 -9.52
C LEU A 493 8.24 2.20 -10.81
N LYS A 494 8.14 0.87 -10.71
CA LYS A 494 8.22 -0.01 -11.89
C LYS A 494 6.98 0.27 -12.72
N VAL A 495 7.14 0.93 -13.87
CA VAL A 495 6.00 1.29 -14.72
C VAL A 495 5.87 0.59 -16.08
N GLY A 496 6.86 -0.19 -16.48
CA GLY A 496 6.78 -0.87 -17.77
C GLY A 496 7.73 -2.04 -17.87
N ARG A 497 7.83 -2.62 -19.06
CA ARG A 497 8.74 -3.75 -19.26
C ARG A 497 9.30 -3.79 -20.67
N VAL A 498 10.26 -4.69 -20.86
CA VAL A 498 10.98 -4.96 -22.12
C VAL A 498 10.44 -4.28 -23.39
N ALA A 499 9.34 -4.67 -23.84
N THR B 3 13.33 15.79 34.33
CA THR B 3 14.67 15.47 33.73
C THR B 3 15.13 16.66 32.92
N ARG B 4 16.43 16.97 33.02
CA ARG B 4 16.98 18.11 32.30
C ARG B 4 16.92 17.86 30.80
N LYS B 5 16.53 18.87 30.04
CA LYS B 5 16.47 18.72 28.60
C LYS B 5 17.89 18.75 28.06
N ALA B 6 18.19 17.85 27.14
CA ALA B 6 19.52 17.84 26.56
C ALA B 6 19.64 19.05 25.63
N VAL B 7 20.84 19.62 25.57
CA VAL B 7 21.16 20.72 24.68
C VAL B 7 22.45 20.23 24.02
N ILE B 8 22.28 19.66 22.83
CA ILE B 8 23.37 19.06 22.06
C ILE B 8 23.86 19.96 20.96
N GLY B 9 25.06 20.50 21.12
CA GLY B 9 25.55 21.40 20.09
C GLY B 9 26.67 20.77 19.28
N TYR B 10 26.44 20.55 17.99
CA TYR B 10 27.49 20.01 17.13
C TYR B 10 28.51 21.13 16.97
N TYR B 11 29.77 20.76 16.87
CA TYR B 11 30.83 21.75 16.71
C TYR B 11 31.64 21.30 15.48
N PHE B 12 31.46 22.03 14.39
CA PHE B 12 32.12 21.69 13.14
C PHE B 12 33.39 22.46 12.87
N ILE B 13 34.50 21.74 12.74
CA ILE B 13 35.75 22.39 12.42
C ILE B 13 36.47 21.60 11.31
N PRO B 14 36.47 22.16 10.10
CA PRO B 14 37.10 21.53 8.94
C PRO B 14 38.57 21.17 9.18
N THR B 15 39.07 20.24 8.37
CA THR B 15 40.43 19.80 8.49
C THR B 15 41.42 20.97 8.35
N ASN B 16 41.16 21.83 7.37
CA ASN B 16 42.05 22.97 7.11
C ASN B 16 42.17 23.81 8.38
N GLN B 17 41.06 23.96 9.10
CA GLN B 17 41.07 24.74 10.34
C GLN B 17 41.81 24.00 11.46
N ILE B 18 41.66 22.68 11.53
CA ILE B 18 42.36 21.94 12.58
C ILE B 18 43.87 22.10 12.32
N ASN B 19 44.30 21.94 11.07
CA ASN B 19 45.72 22.04 10.71
C ASN B 19 46.33 23.43 10.92
N ASN B 20 45.51 24.45 11.00
CA ASN B 20 46.01 25.82 11.20
C ASN B 20 45.35 26.43 12.42
N TYR B 21 44.95 25.60 13.37
CA TYR B 21 44.23 26.09 14.55
C TYR B 21 44.90 27.21 15.30
N THR B 22 44.14 28.29 15.51
CA THR B 22 44.57 29.44 16.27
C THR B 22 43.34 30.09 16.89
N GLU B 23 43.52 30.74 18.04
CA GLU B 23 42.42 31.37 18.73
C GLU B 23 42.54 32.90 18.72
N THR B 24 43.42 33.41 17.88
CA THR B 24 43.63 34.85 17.78
C THR B 24 43.52 35.40 16.35
N ASP B 25 42.88 34.64 15.47
CA ASP B 25 42.72 35.08 14.09
C ASP B 25 41.47 34.47 13.48
N THR B 26 40.35 35.19 13.60
CA THR B 26 39.07 34.72 13.06
C THR B 26 39.04 34.55 11.53
N SER B 27 40.05 35.04 10.81
CA SER B 27 40.04 34.85 9.36
C SER B 27 40.52 33.42 9.04
N VAL B 28 41.15 32.79 10.03
CA VAL B 28 41.64 31.42 9.88
C VAL B 28 40.72 30.44 10.61
N VAL B 29 40.37 30.76 11.85
CA VAL B 29 39.45 29.96 12.65
C VAL B 29 38.41 30.94 13.16
N PRO B 30 37.29 31.09 12.44
CA PRO B 30 36.19 32.00 12.77
C PRO B 30 35.59 31.80 14.16
N PHE B 31 35.54 30.56 14.63
CA PHE B 31 34.95 30.30 15.95
C PHE B 31 35.79 29.31 16.76
N PRO B 32 36.88 29.78 17.39
CA PRO B 32 37.74 28.90 18.19
C PRO B 32 37.06 28.43 19.46
N VAL B 33 37.59 27.34 20.04
CA VAL B 33 37.03 26.78 21.26
C VAL B 33 37.06 27.79 22.41
N SER B 34 38.01 28.71 22.36
CA SER B 34 38.12 29.72 23.40
C SER B 34 36.84 30.56 23.50
N ASN B 35 36.02 30.57 22.45
CA ASN B 35 34.77 31.33 22.54
C ASN B 35 33.86 30.73 23.61
N ILE B 36 34.06 29.45 23.94
CA ILE B 36 33.22 28.81 24.94
C ILE B 36 33.82 28.90 26.33
N THR B 37 33.20 29.74 27.14
CA THR B 37 33.59 29.99 28.50
C THR B 37 32.97 28.97 29.45
N PRO B 38 33.40 28.97 30.71
CA PRO B 38 32.87 28.04 31.71
C PRO B 38 31.37 28.21 31.82
N ALA B 39 30.90 29.43 31.58
CA ALA B 39 29.48 29.72 31.68
C ALA B 39 28.74 29.17 30.48
N LYS B 40 29.36 29.26 29.31
CA LYS B 40 28.70 28.72 28.14
C LYS B 40 28.81 27.19 28.17
N ALA B 41 29.86 26.68 28.80
CA ALA B 41 30.04 25.24 28.88
C ALA B 41 28.89 24.67 29.69
N LYS B 42 28.42 25.43 30.67
CA LYS B 42 27.32 24.99 31.53
C LYS B 42 25.97 24.95 30.80
N GLN B 43 25.83 25.67 29.70
CA GLN B 43 24.58 25.72 28.94
C GLN B 43 24.34 24.53 28.01
N LEU B 44 25.38 23.72 27.82
CA LEU B 44 25.33 22.54 26.95
C LEU B 44 25.35 21.24 27.74
N THR B 45 24.71 20.19 27.23
CA THR B 45 24.81 18.90 27.89
C THR B 45 25.80 18.07 27.03
N HIS B 46 25.85 18.36 25.74
CA HIS B 46 26.74 17.63 24.83
C HIS B 46 27.32 18.56 23.78
N ILE B 47 28.58 18.30 23.42
CA ILE B 47 29.23 19.01 22.33
C ILE B 47 29.69 17.88 21.38
N ASN B 48 29.16 17.87 20.15
CA ASN B 48 29.53 16.80 19.22
C ASN B 48 30.55 17.30 18.22
N PHE B 49 31.79 16.89 18.43
CA PHE B 49 32.88 17.25 17.54
C PHE B 49 32.63 16.63 16.17
N SER B 50 32.65 17.45 15.13
CA SER B 50 32.38 16.97 13.76
C SER B 50 33.51 17.38 12.80
N PHE B 51 33.98 16.50 11.91
CA PHE B 51 33.50 15.11 11.72
C PHE B 51 34.67 14.13 11.63
N LEU B 52 34.43 12.90 12.07
CA LEU B 52 35.41 11.83 11.86
C LEU B 52 34.80 11.07 10.68
N ASP B 53 35.47 10.04 10.17
CA ASP B 53 34.98 9.34 8.99
C ASP B 53 35.24 7.83 9.14
N ILE B 54 34.84 7.06 8.14
CA ILE B 54 35.14 5.63 8.15
C ILE B 54 36.11 5.48 6.98
N ASN B 55 37.28 4.88 7.20
CA ASN B 55 38.25 4.74 6.10
C ASN B 55 38.12 3.46 5.27
N SER B 56 38.98 3.30 4.25
CA SER B 56 38.91 2.14 3.40
C SER B 56 39.18 0.86 4.16
N ASN B 57 39.85 0.97 5.31
CA ASN B 57 40.10 -0.21 6.13
C ASN B 57 38.82 -0.55 6.93
N LEU B 58 37.78 0.24 6.70
CA LEU B 58 36.48 0.07 7.35
C LEU B 58 36.50 0.27 8.88
N GLU B 59 37.32 1.23 9.30
CA GLU B 59 37.43 1.59 10.70
C GLU B 59 37.21 3.09 10.83
N CYS B 60 36.74 3.48 12.00
CA CYS B 60 36.53 4.88 12.30
C CYS B 60 37.89 5.57 12.29
N ALA B 61 37.99 6.72 11.63
CA ALA B 61 39.28 7.42 11.59
C ALA B 61 39.15 8.89 11.24
N TRP B 62 40.19 9.64 11.56
CA TRP B 62 40.23 11.06 11.20
C TRP B 62 40.54 11.13 9.71
N ASP B 63 40.19 12.25 9.08
CA ASP B 63 40.51 12.46 7.67
C ASP B 63 42.07 12.37 7.71
N PRO B 64 42.67 11.56 6.80
CA PRO B 64 44.13 11.36 6.72
C PRO B 64 44.97 12.64 6.64
N ALA B 65 44.39 13.68 6.04
CA ALA B 65 45.06 14.97 5.90
C ALA B 65 45.21 15.74 7.24
N THR B 66 44.51 15.27 8.29
CA THR B 66 44.56 15.92 9.61
C THR B 66 45.90 15.76 10.33
N ASN B 67 46.41 16.87 10.86
CA ASN B 67 47.65 16.86 11.64
C ASN B 67 47.20 16.26 12.97
N ASP B 68 47.65 15.04 13.32
CA ASP B 68 47.20 14.41 14.55
C ASP B 68 47.39 15.22 15.82
N ALA B 69 48.55 15.87 15.96
CA ALA B 69 48.80 16.65 17.16
C ALA B 69 47.83 17.83 17.28
N LYS B 70 47.56 18.53 16.18
CA LYS B 70 46.63 19.67 16.23
C LYS B 70 45.21 19.15 16.53
N ALA B 71 44.90 17.96 16.03
CA ALA B 71 43.61 17.32 16.29
C ALA B 71 43.40 17.09 17.80
N ARG B 72 44.35 16.40 18.43
CA ARG B 72 44.28 16.13 19.86
C ARG B 72 44.14 17.43 20.65
N ASP B 73 44.87 18.45 20.22
CA ASP B 73 44.84 19.73 20.90
C ASP B 73 43.47 20.40 20.88
N VAL B 74 42.80 20.39 19.72
CA VAL B 74 41.47 20.97 19.59
C VAL B 74 40.53 20.14 20.46
N VAL B 75 40.67 18.81 20.43
CA VAL B 75 39.81 18.00 21.25
C VAL B 75 40.09 18.24 22.75
N ASN B 76 41.37 18.44 23.12
CA ASN B 76 41.69 18.71 24.54
C ASN B 76 41.01 20.01 25.01
N ARG B 77 41.00 21.04 24.17
CA ARG B 77 40.35 22.30 24.54
C ARG B 77 38.86 22.05 24.83
N LEU B 78 38.23 21.13 24.10
CA LEU B 78 36.82 20.83 24.33
C LEU B 78 36.62 20.02 25.59
N THR B 79 37.39 18.95 25.77
CA THR B 79 37.25 18.11 26.97
C THR B 79 37.58 18.88 28.26
N ALA B 80 38.48 19.85 28.16
CA ALA B 80 38.81 20.67 29.32
C ALA B 80 37.56 21.40 29.83
N LEU B 81 36.57 21.65 28.96
CA LEU B 81 35.36 22.35 29.37
C LEU B 81 34.55 21.56 30.41
N LYS B 82 34.84 20.26 30.50
CA LYS B 82 34.16 19.38 31.43
C LYS B 82 34.51 19.73 32.87
N ALA B 83 35.60 20.46 33.06
CA ALA B 83 35.99 20.86 34.40
C ALA B 83 34.91 21.80 34.98
N HIS B 84 34.21 22.51 34.09
CA HIS B 84 33.16 23.48 34.46
C HIS B 84 31.73 22.98 34.39
N ASN B 85 31.55 21.72 34.02
CA ASN B 85 30.22 21.15 33.93
C ASN B 85 30.35 19.64 34.08
N PRO B 86 30.04 19.11 35.27
CA PRO B 86 30.14 17.66 35.51
C PRO B 86 29.14 16.83 34.70
N SER B 87 28.19 17.49 34.04
CA SER B 87 27.20 16.81 33.22
C SER B 87 27.58 16.81 31.72
N LEU B 88 28.57 17.61 31.35
CA LEU B 88 28.95 17.74 29.95
C LEU B 88 29.68 16.57 29.32
N ARG B 89 29.27 16.22 28.10
CA ARG B 89 29.91 15.16 27.34
C ARG B 89 30.46 15.69 26.03
N ILE B 90 31.68 15.27 25.66
CA ILE B 90 32.24 15.69 24.38
C ILE B 90 32.19 14.44 23.50
N MET B 91 31.18 14.37 22.62
CA MET B 91 31.00 13.25 21.72
C MET B 91 31.75 13.57 20.42
N PHE B 92 31.92 12.57 19.56
CA PHE B 92 32.47 12.86 18.23
C PHE B 92 31.43 12.29 17.29
N SER B 93 31.25 12.93 16.13
CA SER B 93 30.28 12.48 15.17
C SER B 93 30.99 11.91 13.91
N ILE B 94 30.51 10.77 13.44
CA ILE B 94 31.10 10.10 12.27
C ILE B 94 30.19 10.29 11.07
N GLY B 95 30.74 10.84 9.99
CA GLY B 95 29.94 11.02 8.80
C GLY B 95 29.78 12.44 8.29
N GLY B 96 28.54 12.90 8.24
CA GLY B 96 28.25 14.23 7.70
C GLY B 96 27.91 14.10 6.22
N TRP B 97 27.28 15.11 5.62
CA TRP B 97 26.88 15.03 4.22
C TRP B 97 28.01 14.75 3.23
N TYR B 98 29.10 15.51 3.31
CA TYR B 98 30.23 15.34 2.40
C TYR B 98 30.85 13.92 2.43
N TYR B 99 31.08 13.36 3.61
CA TYR B 99 31.70 12.04 3.63
C TYR B 99 30.75 10.90 3.31
N SER B 100 29.53 10.97 3.85
CA SER B 100 28.60 9.86 3.70
C SER B 100 27.38 9.89 2.78
N ASN B 101 27.15 10.97 2.03
CA ASN B 101 25.99 10.96 1.14
C ASN B 101 26.22 9.87 0.08
N ASP B 102 25.15 9.44 -0.60
CA ASP B 102 25.27 8.36 -1.60
C ASP B 102 26.43 8.54 -2.57
N LEU B 103 26.67 9.78 -2.97
CA LEU B 103 27.73 10.06 -3.91
C LEU B 103 28.92 10.66 -3.19
N GLY B 104 28.98 10.48 -1.88
CA GLY B 104 30.07 11.02 -1.09
C GLY B 104 31.38 10.27 -1.21
N VAL B 105 32.48 10.96 -0.88
CA VAL B 105 33.80 10.38 -0.99
C VAL B 105 34.00 9.08 -0.22
N SER B 106 33.41 8.96 0.97
CA SER B 106 33.60 7.75 1.75
C SER B 106 32.39 6.83 1.84
N HIS B 107 31.39 7.07 1.02
CA HIS B 107 30.16 6.29 1.11
C HIS B 107 30.33 4.78 1.16
N ALA B 108 31.11 4.23 0.21
CA ALA B 108 31.34 2.78 0.17
C ALA B 108 31.85 2.25 1.52
N ASN B 109 32.66 3.02 2.24
CA ASN B 109 33.17 2.56 3.55
C ASN B 109 32.06 2.37 4.59
N TYR B 110 31.04 3.23 4.56
CA TYR B 110 29.91 3.11 5.49
C TYR B 110 29.15 1.80 5.17
N VAL B 111 28.74 1.65 3.91
CA VAL B 111 28.02 0.46 3.43
C VAL B 111 28.78 -0.83 3.77
N ASN B 112 30.08 -0.84 3.46
CA ASN B 112 30.89 -2.03 3.70
C ASN B 112 31.17 -2.34 5.18
N ALA B 113 31.29 -1.31 6.00
CA ALA B 113 31.58 -1.50 7.42
C ALA B 113 30.45 -2.23 8.17
N VAL B 114 29.21 -2.02 7.75
CA VAL B 114 28.06 -2.63 8.45
C VAL B 114 27.61 -4.00 7.94
N LYS B 115 28.25 -4.47 6.87
CA LYS B 115 27.87 -5.73 6.23
C LYS B 115 27.88 -7.01 7.02
N THR B 116 28.98 -7.31 7.72
CA THR B 116 29.03 -8.59 8.41
C THR B 116 29.31 -8.55 9.90
N PRO B 117 29.17 -9.72 10.57
CA PRO B 117 29.44 -9.70 12.00
C PRO B 117 30.90 -9.27 12.20
N ALA B 118 31.80 -9.77 11.35
CA ALA B 118 33.22 -9.41 11.45
C ALA B 118 33.50 -7.93 11.17
N SER B 119 32.88 -7.36 10.12
CA SER B 119 33.14 -5.96 9.81
C SER B 119 32.53 -5.09 10.91
N ARG B 120 31.32 -5.42 11.33
CA ARG B 120 30.70 -4.64 12.40
C ARG B 120 31.54 -4.65 13.68
N ALA B 121 32.06 -5.82 14.07
CA ALA B 121 32.87 -5.89 15.27
C ALA B 121 34.14 -5.07 15.10
N LYS B 122 34.79 -5.17 13.95
CA LYS B 122 36.02 -4.40 13.72
C LYS B 122 35.73 -2.88 13.69
N PHE B 123 34.61 -2.48 13.09
CA PHE B 123 34.27 -1.04 13.05
C PHE B 123 33.92 -0.59 14.46
N ALA B 124 33.01 -1.29 15.13
CA ALA B 124 32.63 -0.93 16.50
C ALA B 124 33.86 -0.78 17.37
N GLN B 125 34.78 -1.74 17.31
CA GLN B 125 35.99 -1.68 18.14
C GLN B 125 36.79 -0.42 17.84
N SER B 126 36.87 -0.04 16.56
CA SER B 126 37.62 1.16 16.20
C SER B 126 36.94 2.41 16.77
N CYS B 127 35.61 2.40 16.86
CA CYS B 127 34.88 3.57 17.40
C CYS B 127 35.25 3.74 18.88
N VAL B 128 35.24 2.64 19.64
CA VAL B 128 35.59 2.68 21.07
C VAL B 128 37.07 3.09 21.23
N ARG B 129 37.95 2.53 20.40
CA ARG B 129 39.39 2.88 20.48
C ARG B 129 39.68 4.36 20.22
N ILE B 130 39.02 4.93 19.21
CA ILE B 130 39.19 6.35 18.87
C ILE B 130 38.65 7.19 20.03
N MET B 131 37.48 6.80 20.56
CA MET B 131 36.85 7.51 21.66
C MET B 131 37.81 7.58 22.83
N LYS B 132 38.33 6.44 23.26
CA LYS B 132 39.26 6.44 24.39
C LYS B 132 40.62 7.07 24.07
N ASP B 133 41.10 6.93 22.85
CA ASP B 133 42.40 7.50 22.48
C ASP B 133 42.41 9.02 22.53
N TYR B 134 41.33 9.66 22.10
CA TYR B 134 41.29 11.13 22.09
C TYR B 134 40.56 11.77 23.29
N GLY B 135 39.92 10.93 24.10
CA GLY B 135 39.23 11.43 25.27
C GLY B 135 37.77 11.82 25.10
N PHE B 136 37.10 11.21 24.12
CA PHE B 136 35.68 11.51 23.88
C PHE B 136 34.81 10.76 24.86
N ASP B 137 33.56 11.18 24.96
CA ASP B 137 32.60 10.59 25.91
C ASP B 137 31.48 9.78 25.28
N GLY B 138 31.51 9.64 23.95
CA GLY B 138 30.47 8.88 23.30
C GLY B 138 30.65 8.96 21.79
N VAL B 139 29.82 8.21 21.08
CA VAL B 139 29.86 8.14 19.64
C VAL B 139 28.52 8.56 19.02
N ASP B 140 28.58 9.46 18.03
CA ASP B 140 27.38 9.88 17.28
C ASP B 140 27.58 9.47 15.81
N ILE B 141 26.63 8.77 15.22
CA ILE B 141 26.76 8.35 13.83
C ILE B 141 25.89 9.24 12.95
N ASN B 142 26.48 9.86 11.93
CA ASN B 142 25.73 10.76 11.05
C ASN B 142 25.88 10.35 9.57
N TRP B 143 25.42 9.14 9.26
CA TRP B 143 25.43 8.61 7.90
C TRP B 143 24.18 9.16 7.20
N GLU B 144 24.36 9.94 6.14
CA GLU B 144 23.22 10.51 5.43
C GLU B 144 23.02 9.92 4.01
N TYR B 145 22.34 8.77 3.85
CA TYR B 145 21.68 7.97 4.90
C TYR B 145 21.66 6.48 4.49
N PRO B 146 21.61 5.56 5.46
CA PRO B 146 21.59 4.17 4.98
C PRO B 146 20.23 3.89 4.32
N GLN B 147 20.20 3.06 3.28
CA GLN B 147 18.87 2.80 2.73
C GLN B 147 18.51 1.36 2.65
N ALA B 148 17.20 1.13 2.51
CA ALA B 148 16.60 -0.19 2.46
C ALA B 148 17.49 -1.37 2.83
N ALA B 149 18.27 -1.82 1.87
CA ALA B 149 19.14 -2.98 2.03
C ALA B 149 20.25 -2.90 3.06
N GLU B 150 20.64 -1.68 3.44
CA GLU B 150 21.73 -1.46 4.39
C GLU B 150 21.28 -1.30 5.85
N VAL B 151 19.99 -1.09 6.06
CA VAL B 151 19.47 -0.87 7.40
C VAL B 151 19.72 -1.98 8.43
N ASP B 152 19.56 -3.25 8.04
CA ASP B 152 19.78 -4.32 9.00
C ASP B 152 21.23 -4.31 9.47
N GLY B 153 22.16 -4.06 8.55
CA GLY B 153 23.56 -4.01 8.94
C GLY B 153 23.79 -2.84 9.88
N PHE B 154 23.22 -1.70 9.51
CA PHE B 154 23.32 -0.46 10.29
C PHE B 154 22.82 -0.70 11.74
N ILE B 155 21.65 -1.32 11.88
CA ILE B 155 21.09 -1.61 13.21
C ILE B 155 22.03 -2.50 13.99
N ALA B 156 22.48 -3.59 13.36
CA ALA B 156 23.40 -4.53 14.02
C ALA B 156 24.70 -3.81 14.40
N ALA B 157 25.13 -2.86 13.58
CA ALA B 157 26.36 -2.10 13.88
C ALA B 157 26.14 -1.26 15.14
N LEU B 158 24.97 -0.62 15.24
CA LEU B 158 24.64 0.20 16.42
C LEU B 158 24.54 -0.69 17.66
N GLN B 159 23.88 -1.84 17.55
CA GLN B 159 23.77 -2.75 18.70
C GLN B 159 25.16 -3.20 19.16
N GLU B 160 26.08 -3.45 18.23
CA GLU B 160 27.42 -3.88 18.62
C GLU B 160 28.18 -2.73 19.29
N ILE B 161 28.06 -1.51 18.75
CA ILE B 161 28.74 -0.37 19.38
C ILE B 161 28.19 -0.21 20.81
N ARG B 162 26.88 -0.35 20.97
CA ARG B 162 26.24 -0.22 22.28
C ARG B 162 26.81 -1.26 23.27
N THR B 163 26.91 -2.52 22.85
CA THR B 163 27.46 -3.54 23.72
C THR B 163 28.88 -3.17 24.17
N LEU B 164 29.74 -2.76 23.22
CA LEU B 164 31.12 -2.40 23.54
C LEU B 164 31.19 -1.17 24.47
N LEU B 165 30.38 -0.13 24.22
CA LEU B 165 30.41 1.05 25.08
C LEU B 165 29.92 0.72 26.51
N ASN B 166 28.87 -0.10 26.64
CA ASN B 166 28.39 -0.44 27.98
C ASN B 166 29.47 -1.18 28.76
N GLN B 167 30.17 -2.09 28.10
CA GLN B 167 31.23 -2.79 28.79
C GLN B 167 32.36 -1.79 29.11
N GLN B 168 32.58 -0.84 28.21
CA GLN B 168 33.64 0.12 28.47
C GLN B 168 33.28 0.96 29.71
N THR B 169 32.02 1.33 29.82
CA THR B 169 31.58 2.13 30.96
C THR B 169 31.94 1.39 32.26
N ILE B 170 31.55 0.11 32.33
CA ILE B 170 31.83 -0.70 33.52
C ILE B 170 33.34 -0.77 33.75
N THR B 171 34.08 -1.13 32.70
CA THR B 171 35.54 -1.23 32.77
C THR B 171 36.21 0.04 33.26
N ASP B 172 35.72 1.20 32.81
CA ASP B 172 36.32 2.46 33.24
C ASP B 172 35.65 3.03 34.50
N GLY B 173 34.68 2.28 35.03
CA GLY B 173 33.96 2.73 36.20
C GLY B 173 33.32 4.09 35.94
N ARG B 174 32.71 4.23 34.77
CA ARG B 174 32.09 5.48 34.36
C ARG B 174 30.57 5.48 34.54
N GLN B 175 30.09 4.72 35.53
CA GLN B 175 28.66 4.62 35.79
C GLN B 175 28.02 5.96 36.06
N ALA B 176 28.77 6.92 36.60
CA ALA B 176 28.18 8.22 36.88
C ALA B 176 27.92 9.02 35.59
N LEU B 177 28.70 8.72 34.54
CA LEU B 177 28.55 9.41 33.25
C LEU B 177 28.89 8.39 32.15
N PRO B 178 27.97 7.44 31.93
CA PRO B 178 28.11 6.37 30.95
C PRO B 178 28.40 6.86 29.54
N TYR B 179 29.21 6.09 28.82
CA TYR B 179 29.52 6.40 27.43
C TYR B 179 28.19 6.31 26.68
N GLN B 180 27.95 7.24 25.77
CA GLN B 180 26.70 7.26 25.02
C GLN B 180 26.82 7.02 23.53
N LEU B 181 25.70 6.68 22.91
CA LEU B 181 25.63 6.42 21.48
C LEU B 181 24.39 7.10 20.96
N THR B 182 24.56 7.90 19.92
CA THR B 182 23.44 8.59 19.32
C THR B 182 23.65 8.58 17.83
N ILE B 183 22.61 8.93 17.07
CA ILE B 183 22.74 9.12 15.61
C ILE B 183 21.98 10.42 15.27
N ALA B 184 22.32 11.03 14.14
CA ALA B 184 21.60 12.21 13.67
C ALA B 184 20.67 11.62 12.60
N GLY B 185 19.37 11.86 12.71
CA GLY B 185 18.45 11.29 11.74
C GLY B 185 17.83 12.30 10.79
N ALA B 186 17.30 11.80 9.68
CA ALA B 186 16.63 12.63 8.69
C ALA B 186 15.48 13.38 9.39
N GLY B 187 15.24 14.62 8.97
CA GLY B 187 14.18 15.43 9.55
C GLY B 187 13.06 15.71 8.56
N GLY B 188 13.12 15.05 7.41
CA GLY B 188 12.11 15.17 6.35
C GLY B 188 11.72 13.78 5.83
N ALA B 189 10.49 13.63 5.33
CA ALA B 189 10.00 12.32 4.89
C ALA B 189 10.75 11.64 3.74
N PHE B 190 11.27 12.41 2.80
CA PHE B 190 11.97 11.79 1.66
C PHE B 190 13.15 10.92 2.12
N PHE B 191 14.09 11.47 2.88
CA PHE B 191 15.21 10.67 3.37
C PHE B 191 14.78 9.70 4.48
N LEU B 192 13.85 10.14 5.33
CA LEU B 192 13.36 9.27 6.42
C LEU B 192 12.73 7.97 5.88
N SER B 193 12.14 8.03 4.70
CA SER B 193 11.50 6.85 4.12
C SER B 193 12.47 5.69 3.90
N ARG B 194 13.76 5.98 3.83
CA ARG B 194 14.77 4.95 3.61
C ARG B 194 14.87 3.91 4.72
N TYR B 195 14.69 4.32 5.97
CA TYR B 195 14.84 3.40 7.10
C TYR B 195 13.67 3.48 8.08
N TYR B 196 12.66 4.27 7.71
CA TYR B 196 11.49 4.47 8.53
C TYR B 196 10.85 3.19 9.08
N SER B 197 10.67 2.18 8.25
CA SER B 197 10.01 0.96 8.71
C SER B 197 10.71 0.28 9.88
N LYS B 198 11.99 0.56 10.11
CA LYS B 198 12.73 -0.08 11.20
C LYS B 198 13.19 0.92 12.26
N LEU B 199 12.49 2.03 12.37
CA LEU B 199 12.85 3.06 13.33
C LEU B 199 13.00 2.55 14.74
N ALA B 200 12.07 1.71 15.20
CA ALA B 200 12.17 1.22 16.58
C ALA B 200 13.48 0.49 16.86
N GLN B 201 13.91 -0.37 15.93
CA GLN B 201 15.17 -1.10 16.07
C GLN B 201 16.39 -0.19 16.04
N ILE B 202 16.32 0.81 15.17
CA ILE B 202 17.42 1.77 15.05
C ILE B 202 17.60 2.60 16.33
N VAL B 203 16.48 2.95 16.95
CA VAL B 203 16.49 3.79 18.15
C VAL B 203 16.76 3.04 19.44
N ALA B 204 16.43 1.75 19.47
CA ALA B 204 16.62 0.95 20.65
C ALA B 204 17.98 1.06 21.34
N PRO B 205 19.10 0.92 20.58
CA PRO B 205 20.43 1.02 21.21
C PRO B 205 20.98 2.44 21.48
N LEU B 206 20.21 3.46 21.11
CA LEU B 206 20.62 4.86 21.26
C LEU B 206 20.15 5.57 22.53
N ASP B 207 20.90 6.58 22.94
CA ASP B 207 20.49 7.41 24.07
C ASP B 207 19.56 8.47 23.49
N TYR B 208 19.81 8.84 22.23
CA TYR B 208 19.00 9.85 21.54
C TYR B 208 19.12 9.73 20.03
N ILE B 209 18.06 10.10 19.30
CA ILE B 209 18.12 10.21 17.87
C ILE B 209 17.95 11.75 17.66
N ASN B 210 18.97 12.38 17.07
CA ASN B 210 18.97 13.84 16.86
C ASN B 210 18.37 14.13 15.49
N LEU B 211 17.13 14.62 15.47
CA LEU B 211 16.46 14.87 14.21
C LEU B 211 16.96 16.12 13.52
N MET B 212 17.36 15.98 12.28
CA MET B 212 17.84 17.14 11.54
C MET B 212 16.62 17.86 10.92
N THR B 213 15.80 18.42 11.82
CA THR B 213 14.62 19.14 11.39
C THR B 213 14.90 20.58 10.91
N TYR B 214 15.58 20.65 9.77
CA TYR B 214 15.91 21.90 9.11
C TYR B 214 16.27 21.49 7.67
N ASP B 215 16.71 22.44 6.83
CA ASP B 215 17.00 22.14 5.42
C ASP B 215 15.73 21.60 4.77
N LEU B 216 14.57 21.96 5.32
CA LEU B 216 13.32 21.48 4.72
C LEU B 216 13.01 22.39 3.52
N ALA B 217 13.86 23.39 3.31
CA ALA B 217 13.71 24.32 2.19
C ALA B 217 15.10 24.71 1.72
N GLY B 218 15.20 25.11 0.47
CA GLY B 218 16.50 25.49 -0.07
C GLY B 218 16.37 25.75 -1.56
N PRO B 219 17.40 26.39 -2.17
CA PRO B 219 17.42 26.72 -3.60
C PRO B 219 17.20 25.53 -4.52
N TRP B 220 17.36 24.32 -4.00
CA TRP B 220 17.14 23.11 -4.80
C TRP B 220 15.64 22.84 -4.99
N GLU B 221 14.81 23.66 -4.34
CA GLU B 221 13.35 23.56 -4.43
C GLU B 221 12.90 24.76 -5.28
N LYS B 222 11.83 24.59 -6.06
CA LYS B 222 11.37 25.66 -6.94
C LYS B 222 10.63 26.81 -6.27
N VAL B 223 10.07 26.56 -5.10
CA VAL B 223 9.35 27.59 -4.36
C VAL B 223 10.09 27.96 -3.08
N THR B 224 10.31 29.25 -2.84
CA THR B 224 10.96 29.66 -1.61
C THR B 224 10.06 29.24 -0.43
N ASN B 225 10.66 28.87 0.69
CA ASN B 225 9.91 28.44 1.87
C ASN B 225 10.80 28.48 3.11
N HIS B 226 10.20 28.38 4.29
CA HIS B 226 10.94 28.36 5.55
C HIS B 226 11.64 26.98 5.64
N GLN B 227 12.93 26.96 5.98
CA GLN B 227 13.65 25.68 6.04
C GLN B 227 13.39 24.90 7.33
N ALA B 228 12.72 25.53 8.30
CA ALA B 228 12.41 24.85 9.57
C ALA B 228 11.14 25.38 10.25
N ALA B 229 10.07 25.52 9.47
CA ALA B 229 8.78 25.96 9.98
C ALA B 229 8.40 24.99 11.10
N LEU B 230 7.87 25.46 12.23
CA LEU B 230 7.50 24.56 13.32
C LEU B 230 6.19 23.86 12.93
N PHE B 231 5.22 24.66 12.49
CA PHE B 231 3.92 24.19 12.05
C PHE B 231 3.74 24.66 10.60
N GLY B 232 2.75 24.14 9.90
CA GLY B 232 2.59 24.49 8.51
C GLY B 232 1.77 25.73 8.27
N ASP B 233 1.99 26.30 7.10
CA ASP B 233 1.28 27.49 6.64
C ASP B 233 0.53 27.04 5.37
N ALA B 234 -0.80 27.15 5.39
CA ALA B 234 -1.62 26.76 4.25
C ALA B 234 -1.17 27.38 2.95
N ALA B 235 -0.64 28.61 3.01
CA ALA B 235 -0.18 29.31 1.81
C ALA B 235 1.17 28.83 1.31
N GLY B 236 1.89 28.06 2.12
CA GLY B 236 3.19 27.59 1.71
C GLY B 236 3.06 26.33 0.89
N PRO B 237 4.13 25.89 0.24
CA PRO B 237 4.06 24.67 -0.58
C PRO B 237 3.85 23.40 0.25
N THR B 238 3.27 22.37 -0.37
CA THR B 238 3.07 21.11 0.30
C THR B 238 3.80 20.04 -0.52
N PHE B 239 4.01 18.88 0.08
CA PHE B 239 4.76 17.79 -0.58
C PHE B 239 4.13 16.42 -0.52
N TYR B 240 4.56 15.57 -1.44
CA TYR B 240 4.15 14.18 -1.55
C TYR B 240 4.73 13.57 -0.27
N ASN B 241 3.94 12.75 0.44
CA ASN B 241 4.44 12.14 1.66
C ASN B 241 5.14 10.79 1.36
N ALA B 242 6.45 10.84 1.18
CA ALA B 242 7.24 9.65 0.84
C ALA B 242 7.13 8.46 1.80
N LEU B 243 6.66 8.69 3.03
CA LEU B 243 6.56 7.58 3.97
C LEU B 243 5.57 6.50 3.47
N ARG B 244 4.63 6.91 2.61
CA ARG B 244 3.62 6.01 2.03
C ARG B 244 4.25 4.91 1.17
N GLU B 245 5.49 5.14 0.76
CA GLU B 245 6.22 4.19 -0.08
C GLU B 245 7.18 3.33 0.71
N ALA B 246 7.18 3.46 2.04
CA ALA B 246 8.08 2.65 2.88
C ALA B 246 7.50 1.23 2.96
N ASN B 247 8.38 0.23 3.03
CA ASN B 247 7.90 -1.16 3.10
C ASN B 247 7.33 -1.48 4.47
N LEU B 248 6.11 -1.02 4.71
CA LEU B 248 5.47 -1.22 5.99
C LEU B 248 4.52 -2.41 5.97
N GLY B 249 4.03 -2.74 4.77
CA GLY B 249 3.11 -3.85 4.64
C GLY B 249 1.75 -3.49 5.22
N TRP B 250 1.36 -2.23 5.08
CA TRP B 250 0.06 -1.76 5.56
C TRP B 250 -0.88 -1.62 4.36
N SER B 251 -2.18 -1.60 4.63
CA SER B 251 -3.17 -1.48 3.57
C SER B 251 -3.24 -0.05 3.01
N TRP B 252 -3.98 0.12 1.92
CA TRP B 252 -4.10 1.44 1.35
C TRP B 252 -4.73 2.41 2.39
N GLU B 253 -5.75 1.93 3.11
CA GLU B 253 -6.41 2.77 4.11
C GLU B 253 -5.45 3.13 5.23
N GLU B 254 -4.64 2.16 5.66
CA GLU B 254 -3.70 2.41 6.74
C GLU B 254 -2.63 3.44 6.33
N LEU B 255 -2.09 3.28 5.13
CA LEU B 255 -1.06 4.19 4.60
C LEU B 255 -1.60 5.62 4.45
N THR B 256 -2.79 5.71 3.86
CA THR B 256 -3.43 7.00 3.64
C THR B 256 -3.71 7.73 4.95
N ARG B 257 -4.18 7.01 5.96
CA ARG B 257 -4.49 7.61 7.27
C ARG B 257 -3.24 8.00 8.05
N ALA B 258 -2.22 7.16 7.98
CA ALA B 258 -0.97 7.42 8.71
C ALA B 258 -0.17 8.54 8.08
N PHE B 259 -0.24 8.63 6.76
CA PHE B 259 0.54 9.61 6.01
C PHE B 259 -0.23 10.60 5.15
N PRO B 260 -0.75 11.68 5.76
CA PRO B 260 -1.50 12.69 5.00
C PRO B 260 -0.63 13.15 3.84
N SER B 261 -1.22 13.34 2.67
CA SER B 261 -0.46 13.75 1.50
C SER B 261 -1.37 14.43 0.45
N PRO B 262 -0.96 15.60 -0.06
CA PRO B 262 0.28 16.30 0.26
C PRO B 262 0.28 16.83 1.70
N PHE B 263 1.47 17.15 2.22
CA PHE B 263 1.57 17.66 3.58
C PHE B 263 2.62 18.77 3.70
N SER B 264 2.60 19.46 4.83
CA SER B 264 3.55 20.56 5.07
C SER B 264 4.83 19.99 5.67
N LEU B 265 5.96 20.20 5.00
CA LEU B 265 7.23 19.70 5.50
C LEU B 265 7.64 20.63 6.66
N THR B 266 7.41 20.17 7.90
CA THR B 266 7.70 20.96 9.08
C THR B 266 8.42 20.17 10.16
N VAL B 267 8.82 20.89 11.20
CA VAL B 267 9.50 20.29 12.31
C VAL B 267 8.52 19.36 13.05
N ASP B 268 7.29 19.85 13.23
CA ASP B 268 6.22 19.10 13.89
C ASP B 268 5.91 17.81 13.10
N ALA B 269 5.96 17.89 11.77
CA ALA B 269 5.70 16.69 10.96
C ALA B 269 6.73 15.59 11.24
N ALA B 270 8.02 15.94 11.22
CA ALA B 270 9.06 14.97 11.48
C ALA B 270 8.93 14.37 12.86
N VAL B 271 8.69 15.22 13.86
CA VAL B 271 8.56 14.72 15.23
C VAL B 271 7.36 13.73 15.36
N GLN B 272 6.21 14.13 14.85
CA GLN B 272 5.00 13.29 14.91
C GLN B 272 5.23 11.98 14.12
N GLN B 273 5.91 12.07 12.99
CA GLN B 273 6.18 10.87 12.19
C GLN B 273 7.01 9.87 13.01
N HIS B 274 7.95 10.36 13.81
CA HIS B 274 8.75 9.47 14.66
C HIS B 274 7.90 8.97 15.83
N LEU B 275 7.11 9.85 16.44
CA LEU B 275 6.28 9.44 17.57
C LEU B 275 5.16 8.45 17.19
N MET B 276 4.75 8.48 15.92
CA MET B 276 3.70 7.57 15.40
C MET B 276 4.08 6.10 15.62
N MET B 277 5.32 5.77 15.30
CA MET B 277 5.84 4.42 15.41
C MET B 277 5.99 3.87 16.84
N GLU B 278 5.36 2.73 17.07
CA GLU B 278 5.41 2.06 18.36
C GLU B 278 6.89 1.72 18.62
N GLY B 279 7.33 1.84 19.87
CA GLY B 279 8.71 1.55 20.23
C GLY B 279 9.70 2.70 20.10
N VAL B 280 9.22 3.91 19.77
CA VAL B 280 10.09 5.09 19.64
C VAL B 280 9.69 6.09 20.75
N PRO B 281 10.40 6.05 21.89
CA PRO B 281 10.11 6.94 23.03
C PRO B 281 10.40 8.41 22.82
N SER B 282 9.45 9.24 23.21
CA SER B 282 9.60 10.68 23.03
C SER B 282 10.86 11.19 23.70
N ALA B 283 11.20 10.62 24.84
CA ALA B 283 12.37 11.05 25.59
C ALA B 283 13.66 10.88 24.82
N LYS B 284 13.67 10.00 23.82
CA LYS B 284 14.90 9.83 23.03
C LYS B 284 14.93 10.77 21.82
N ILE B 285 13.79 11.37 21.49
CA ILE B 285 13.76 12.26 20.33
C ILE B 285 14.32 13.63 20.68
N VAL B 286 15.29 14.10 19.88
CA VAL B 286 15.93 15.40 20.06
C VAL B 286 15.68 16.24 18.79
N MET B 287 15.07 17.40 18.98
CA MET B 287 14.74 18.29 17.86
C MET B 287 15.93 19.14 17.44
N GLY B 288 16.33 19.04 16.19
CA GLY B 288 17.43 19.86 15.74
C GLY B 288 16.92 21.24 15.30
N VAL B 289 17.78 22.25 15.43
CA VAL B 289 17.49 23.59 14.97
C VAL B 289 18.76 24.06 14.25
N PRO B 290 18.61 24.91 13.23
CA PRO B 290 19.75 25.42 12.48
C PRO B 290 20.29 26.74 13.03
N PHE B 291 21.61 26.89 13.08
CA PHE B 291 22.19 28.17 13.53
C PHE B 291 22.66 28.92 12.29
N TYR B 292 22.03 28.62 11.15
CA TYR B 292 22.38 29.25 9.87
C TYR B 292 21.11 29.43 9.06
N GLY B 293 21.17 30.27 8.03
CA GLY B 293 20.03 30.51 7.18
C GLY B 293 20.40 30.20 5.75
N ARG B 294 19.38 30.05 4.90
CA ARG B 294 19.55 29.77 3.47
C ARG B 294 18.89 30.91 2.73
N ALA B 295 19.57 31.40 1.70
CA ALA B 295 19.13 32.57 0.94
C ALA B 295 18.76 32.27 -0.50
N PHE B 296 17.80 33.04 -1.01
CA PHE B 296 17.30 32.94 -2.37
C PHE B 296 17.28 34.34 -2.99
N LYS B 297 17.56 34.43 -4.28
CA LYS B 297 17.50 35.70 -5.00
C LYS B 297 16.46 35.55 -6.09
N GLY B 298 15.95 36.68 -6.59
CA GLY B 298 14.97 36.63 -7.66
C GLY B 298 13.55 36.33 -7.22
N VAL B 299 13.22 36.64 -5.97
CA VAL B 299 11.88 36.37 -5.47
C VAL B 299 10.90 37.52 -5.78
N SER B 300 9.64 37.19 -6.05
CA SER B 300 8.61 38.20 -6.35
C SER B 300 8.20 38.87 -5.05
N GLY B 301 7.59 40.05 -5.16
CA GLY B 301 7.18 40.76 -3.96
C GLY B 301 5.75 40.52 -3.55
N GLY B 302 5.30 41.21 -2.50
CA GLY B 302 3.94 41.04 -2.04
C GLY B 302 3.75 40.20 -0.80
N ASN B 303 4.53 39.13 -0.67
CA ASN B 303 4.41 38.27 0.51
C ASN B 303 5.76 38.16 1.21
N GLY B 304 6.49 39.27 1.26
CA GLY B 304 7.79 39.29 1.88
C GLY B 304 8.74 38.27 1.30
N GLY B 305 8.50 37.83 0.07
CA GLY B 305 9.37 36.85 -0.57
C GLY B 305 9.07 35.38 -0.30
N GLN B 306 8.06 35.12 0.53
CA GLN B 306 7.66 33.75 0.87
C GLN B 306 6.90 33.07 -0.26
N TYR B 307 7.20 31.80 -0.47
CA TYR B 307 6.51 31.00 -1.46
C TYR B 307 6.54 31.60 -2.86
N SER B 308 7.71 32.08 -3.26
CA SER B 308 7.87 32.67 -4.56
C SER B 308 8.82 31.87 -5.42
N SER B 309 8.72 32.06 -6.74
CA SER B 309 9.64 31.43 -7.67
C SER B 309 10.92 32.23 -7.42
N HIS B 310 12.06 31.70 -7.85
CA HIS B 310 13.31 32.40 -7.63
C HIS B 310 14.31 32.00 -8.71
N SER B 311 15.48 32.63 -8.69
CA SER B 311 16.50 32.36 -9.69
C SER B 311 17.81 31.96 -9.01
N THR B 312 17.71 31.20 -7.93
CA THR B 312 18.88 30.77 -7.19
C THR B 312 19.46 29.45 -7.69
N PRO B 313 20.77 29.42 -8.04
CA PRO B 313 21.36 28.17 -8.53
C PRO B 313 21.19 27.10 -7.44
N GLY B 314 20.95 25.85 -7.83
CA GLY B 314 20.75 24.80 -6.85
C GLY B 314 21.93 23.85 -6.73
N GLU B 315 22.92 24.01 -7.61
CA GLU B 315 24.11 23.17 -7.64
C GLU B 315 25.12 23.39 -6.52
N ASP B 316 25.86 22.33 -6.23
CA ASP B 316 26.92 22.34 -5.24
C ASP B 316 28.11 21.76 -6.01
N PRO B 317 29.24 22.49 -6.05
CA PRO B 317 29.44 23.81 -5.42
C PRO B 317 28.72 24.96 -6.14
N TYR B 318 28.71 26.13 -5.49
CA TYR B 318 28.11 27.32 -6.05
C TYR B 318 28.87 27.55 -7.36
N PRO B 319 28.15 27.58 -8.49
CA PRO B 319 28.76 27.77 -9.82
C PRO B 319 29.30 29.15 -10.23
N SER B 320 28.76 30.21 -9.63
CA SER B 320 29.14 31.58 -9.97
C SER B 320 30.17 32.27 -9.07
N THR B 321 30.63 33.44 -9.49
CA THR B 321 31.57 34.25 -8.71
C THR B 321 30.80 35.48 -8.22
N ASP B 322 29.52 35.52 -8.58
CA ASP B 322 28.60 36.60 -8.21
C ASP B 322 28.07 36.38 -6.78
N TYR B 323 28.48 37.24 -5.83
CA TYR B 323 28.01 37.12 -4.43
C TYR B 323 26.95 38.19 -4.20
N TRP B 324 25.71 37.76 -4.41
CA TRP B 324 24.54 38.62 -4.33
C TRP B 324 23.84 38.77 -2.98
N LEU B 325 24.34 38.13 -1.93
CA LEU B 325 23.69 38.29 -0.64
C LEU B 325 24.32 39.53 0.02
N VAL B 326 23.63 40.66 -0.12
CA VAL B 326 24.10 41.96 0.40
C VAL B 326 24.58 41.95 1.85
N GLY B 327 25.82 42.39 2.05
CA GLY B 327 26.38 42.45 3.39
C GLY B 327 27.00 41.16 3.92
N CYS B 328 26.81 40.08 3.20
CA CYS B 328 27.38 38.82 3.67
C CYS B 328 28.85 38.62 3.24
N GLU B 329 29.79 39.11 4.04
CA GLU B 329 31.20 38.96 3.73
C GLU B 329 31.65 37.53 4.01
N GLU B 330 30.98 36.86 4.94
CA GLU B 330 31.28 35.47 5.25
C GLU B 330 31.02 34.67 3.97
N CYS B 331 29.94 35.02 3.25
CA CYS B 331 29.56 34.35 2.00
C CYS B 331 30.64 34.47 0.93
N VAL B 332 31.31 35.62 0.88
CA VAL B 332 32.37 35.85 -0.11
C VAL B 332 33.57 34.98 0.27
N ARG B 333 33.92 34.99 1.57
CA ARG B 333 35.02 34.17 2.06
C ARG B 333 34.74 32.69 1.79
N ASP B 334 33.52 32.23 2.10
CA ASP B 334 33.21 30.82 1.88
C ASP B 334 32.72 30.54 0.46
N LYS B 335 32.68 31.58 -0.37
CA LYS B 335 32.26 31.44 -1.75
C LYS B 335 30.87 30.85 -2.00
N ASP B 336 29.88 31.24 -1.19
CA ASP B 336 28.51 30.74 -1.38
C ASP B 336 27.50 31.71 -0.78
N PRO B 337 26.78 32.45 -1.64
CA PRO B 337 25.78 33.41 -1.19
C PRO B 337 24.46 32.78 -0.75
N ARG B 338 24.35 31.46 -0.83
CA ARG B 338 23.11 30.78 -0.47
C ARG B 338 22.97 30.34 0.99
N ILE B 339 24.01 30.53 1.79
CA ILE B 339 23.94 30.12 3.19
C ILE B 339 24.71 31.11 4.05
N ALA B 340 24.22 31.39 5.25
CA ALA B 340 24.91 32.32 6.14
C ALA B 340 24.63 31.98 7.58
N SER B 341 25.69 32.07 8.39
CA SER B 341 25.58 31.80 9.81
C SER B 341 24.66 32.85 10.47
N TYR B 342 24.07 32.48 11.60
CA TYR B 342 23.22 33.43 12.29
C TYR B 342 24.07 34.67 12.63
N ARG B 343 25.31 34.42 13.04
CA ARG B 343 26.24 35.51 13.41
C ARG B 343 26.31 36.54 12.31
N GLN B 344 26.50 36.07 11.08
CA GLN B 344 26.58 36.96 9.93
C GLN B 344 25.22 37.60 9.65
N LEU B 345 24.15 36.81 9.71
CA LEU B 345 22.82 37.37 9.47
C LEU B 345 22.46 38.47 10.48
N GLU B 346 22.88 38.30 11.73
CA GLU B 346 22.61 39.30 12.75
C GLU B 346 23.41 40.56 12.39
N GLN B 347 24.62 40.39 11.89
CA GLN B 347 25.43 41.53 11.49
C GLN B 347 24.78 42.26 10.33
N MET B 348 24.25 41.50 9.36
CA MET B 348 23.59 42.11 8.20
C MET B 348 22.37 42.91 8.66
N LEU B 349 21.66 42.42 9.66
CA LEU B 349 20.50 43.14 10.19
C LEU B 349 20.94 44.45 10.89
N GLN B 350 22.19 44.48 11.36
CA GLN B 350 22.77 45.66 12.04
C GLN B 350 23.38 46.64 11.05
N GLY B 351 23.84 46.12 9.92
CA GLY B 351 24.49 46.93 8.90
C GLY B 351 23.66 47.87 8.06
N ASN B 352 22.38 48.03 8.41
CA ASN B 352 21.49 48.93 7.68
C ASN B 352 21.64 48.73 6.16
N TYR B 353 21.32 47.52 5.69
CA TYR B 353 21.42 47.17 4.27
C TYR B 353 20.08 47.09 3.55
N GLY B 354 18.99 47.43 4.25
CA GLY B 354 17.68 47.37 3.63
C GLY B 354 16.91 46.07 3.80
N TYR B 355 17.39 45.19 4.69
CA TYR B 355 16.70 43.93 4.94
C TYR B 355 15.60 44.21 5.96
N GLN B 356 14.42 43.64 5.73
CA GLN B 356 13.29 43.75 6.64
C GLN B 356 13.23 42.41 7.34
N ARG B 357 13.26 42.42 8.67
CA ARG B 357 13.18 41.19 9.42
C ARG B 357 11.68 40.98 9.63
N LEU B 358 11.14 39.95 8.99
CA LEU B 358 9.71 39.63 9.07
C LEU B 358 9.43 38.39 9.89
N TRP B 359 8.16 38.14 10.18
CA TRP B 359 7.78 37.01 11.00
C TRP B 359 6.50 36.31 10.54
N ASN B 360 6.56 34.98 10.42
CA ASN B 360 5.39 34.23 10.01
C ASN B 360 4.79 33.62 11.30
N ASP B 361 3.61 34.10 11.66
CA ASP B 361 2.92 33.70 12.90
C ASP B 361 2.33 32.28 12.88
N LYS B 362 2.38 31.63 11.73
CA LYS B 362 1.86 30.25 11.57
C LYS B 362 3.02 29.26 11.75
N THR B 363 4.10 29.47 10.99
CA THR B 363 5.28 28.63 11.04
C THR B 363 6.12 28.94 12.29
N LYS B 364 5.89 30.11 12.89
CA LYS B 364 6.60 30.59 14.06
C LYS B 364 8.09 30.76 13.79
N THR B 365 8.42 31.29 12.61
CA THR B 365 9.82 31.49 12.24
C THR B 365 10.03 32.84 11.56
N PRO B 366 11.24 33.42 11.72
CA PRO B 366 11.56 34.71 11.09
C PRO B 366 12.09 34.51 9.68
N TYR B 367 12.14 35.58 8.90
CA TYR B 367 12.70 35.55 7.55
C TYR B 367 13.11 36.98 7.19
N LEU B 368 14.09 37.09 6.30
CA LEU B 368 14.55 38.40 5.86
C LEU B 368 14.08 38.60 4.46
N TYR B 369 13.64 39.83 4.16
CA TYR B 369 13.20 40.17 2.83
C TYR B 369 13.91 41.45 2.44
N HIS B 370 14.50 41.44 1.26
CA HIS B 370 15.20 42.60 0.75
C HIS B 370 14.45 42.92 -0.51
N ALA B 371 13.45 43.79 -0.38
CA ALA B 371 12.61 44.17 -1.51
C ALA B 371 13.42 44.75 -2.66
N GLN B 372 14.31 45.68 -2.32
CA GLN B 372 15.15 46.33 -3.32
C GLN B 372 15.84 45.33 -4.25
N ASN B 373 16.51 44.32 -3.70
CA ASN B 373 17.23 43.33 -4.52
C ASN B 373 16.48 42.02 -4.80
N GLY B 374 15.31 41.84 -4.16
CA GLY B 374 14.53 40.63 -4.35
C GLY B 374 15.14 39.40 -3.69
N LEU B 375 15.62 39.56 -2.46
CA LEU B 375 16.25 38.45 -1.72
C LEU B 375 15.30 37.96 -0.64
N PHE B 376 15.44 36.68 -0.29
CA PHE B 376 14.65 36.04 0.76
C PHE B 376 15.59 35.14 1.58
N VAL B 377 15.53 35.25 2.91
CA VAL B 377 16.37 34.44 3.77
C VAL B 377 15.54 33.76 4.87
N THR B 378 15.57 32.44 4.90
CA THR B 378 14.88 31.69 5.94
C THR B 378 15.94 31.29 6.99
N TYR B 379 15.66 31.59 8.25
CA TYR B 379 16.60 31.26 9.32
C TYR B 379 15.80 31.17 10.61
N ASP B 380 16.51 30.86 11.69
CA ASP B 380 15.91 30.74 13.02
C ASP B 380 16.61 31.70 13.96
N ASP B 381 15.91 32.09 15.02
CA ASP B 381 16.52 32.99 15.99
C ASP B 381 16.01 32.76 17.41
N ALA B 382 16.40 33.62 18.35
CA ALA B 382 15.96 33.43 19.73
C ALA B 382 14.43 33.44 19.88
N GLU B 383 13.73 34.13 18.98
CA GLU B 383 12.26 34.15 19.07
C GLU B 383 11.63 32.83 18.58
N SER B 384 12.07 32.31 17.42
CA SER B 384 11.51 31.05 16.94
C SER B 384 11.87 29.94 17.95
N PHE B 385 13.02 30.08 18.60
CA PHE B 385 13.45 29.08 19.58
C PHE B 385 12.51 28.99 20.80
N LYS B 386 11.73 30.04 21.06
CA LYS B 386 10.80 30.01 22.19
C LYS B 386 9.70 28.99 21.90
N TYR B 387 9.19 29.05 20.67
CA TYR B 387 8.12 28.12 20.27
C TYR B 387 8.67 26.68 20.21
N LYS B 388 9.87 26.50 19.66
CA LYS B 388 10.42 25.15 19.58
C LYS B 388 10.72 24.60 20.97
N ALA B 389 11.19 25.45 21.88
CA ALA B 389 11.44 24.98 23.24
C ALA B 389 10.14 24.60 23.95
N LYS B 390 9.07 25.37 23.74
CA LYS B 390 7.82 25.00 24.40
C LYS B 390 7.29 23.69 23.77
N TYR B 391 7.42 23.57 22.46
CA TYR B 391 6.97 22.34 21.74
C TYR B 391 7.70 21.12 22.34
N ILE B 392 9.00 21.29 22.58
CA ILE B 392 9.83 20.23 23.16
C ILE B 392 9.33 19.83 24.55
N LYS B 393 8.99 20.80 25.39
CA LYS B 393 8.49 20.50 26.74
C LYS B 393 7.13 19.81 26.65
N GLN B 394 6.22 20.37 25.84
CA GLN B 394 4.87 19.85 25.62
C GLN B 394 4.89 18.41 25.07
N GLN B 395 5.73 18.15 24.05
CA GLN B 395 5.81 16.81 23.48
C GLN B 395 6.71 15.83 24.26
N GLN B 396 7.25 16.31 25.39
CA GLN B 396 8.12 15.51 26.24
C GLN B 396 9.30 14.92 25.45
N LEU B 397 9.93 15.74 24.61
CA LEU B 397 11.07 15.27 23.84
C LEU B 397 12.29 15.29 24.75
N GLY B 398 13.35 14.61 24.33
CA GLY B 398 14.57 14.53 25.10
C GLY B 398 15.31 15.84 25.21
N GLY B 399 15.17 16.69 24.19
CA GLY B 399 15.86 17.97 24.24
C GLY B 399 15.99 18.65 22.89
N VAL B 400 17.04 19.46 22.74
CA VAL B 400 17.27 20.16 21.49
C VAL B 400 18.72 19.90 21.01
N MET B 401 18.92 19.92 19.70
CA MET B 401 20.24 19.75 19.12
C MET B 401 20.36 20.88 18.12
N PHE B 402 21.58 21.33 17.82
CA PHE B 402 21.72 22.35 16.80
C PHE B 402 23.00 22.25 15.97
N TRP B 403 22.89 22.66 14.72
CA TRP B 403 24.02 22.68 13.79
C TRP B 403 24.22 24.14 13.37
N HIS B 404 25.36 24.76 13.72
CA HIS B 404 26.35 24.19 14.65
C HIS B 404 26.90 25.33 15.52
N LEU B 405 27.50 24.95 16.64
CA LEU B 405 28.04 25.89 17.60
C LEU B 405 28.79 27.04 16.99
N GLY B 406 29.61 26.74 15.99
CA GLY B 406 30.43 27.76 15.36
C GLY B 406 29.72 28.85 14.58
N GLN B 407 28.40 28.75 14.43
CA GLN B 407 27.62 29.74 13.68
C GLN B 407 26.81 30.70 14.57
N ASP B 408 26.90 30.53 15.89
CA ASP B 408 26.20 31.39 16.86
C ASP B 408 26.96 32.73 16.80
N ASN B 409 26.38 33.81 17.36
CA ASN B 409 27.14 35.06 17.33
C ASN B 409 28.23 34.95 18.40
N ARG B 410 29.11 35.93 18.43
CA ARG B 410 30.21 35.91 19.39
C ARG B 410 29.79 35.72 20.85
N ASN B 411 28.68 36.33 21.26
CA ASN B 411 28.26 36.16 22.65
C ASN B 411 27.54 34.84 22.94
N GLY B 412 27.34 34.05 21.90
CA GLY B 412 26.63 32.77 22.07
C GLY B 412 25.18 32.95 22.50
N ASP B 413 24.50 33.95 21.97
CA ASP B 413 23.09 34.22 22.33
C ASP B 413 22.09 33.12 21.96
N LEU B 414 22.28 32.46 20.81
CA LEU B 414 21.34 31.40 20.44
C LEU B 414 21.44 30.23 21.46
N LEU B 415 22.65 29.80 21.81
CA LEU B 415 22.80 28.74 22.81
C LEU B 415 22.23 29.23 24.14
N ALA B 416 22.55 30.48 24.51
CA ALA B 416 22.05 31.03 25.77
C ALA B 416 20.53 31.03 25.79
N ALA B 417 19.92 31.34 24.65
CA ALA B 417 18.47 31.38 24.57
C ALA B 417 17.89 29.99 24.87
N LEU B 418 18.45 28.96 24.24
CA LEU B 418 17.96 27.59 24.43
C LEU B 418 18.07 27.18 25.89
N ASP B 419 19.24 27.41 26.49
CA ASP B 419 19.42 27.06 27.87
C ASP B 419 18.42 27.83 28.74
N ARG B 420 18.21 29.09 28.41
CA ARG B 420 17.28 29.91 29.17
C ARG B 420 15.85 29.34 29.09
N TYR B 421 15.38 28.98 27.90
CA TYR B 421 14.02 28.50 27.81
C TYR B 421 13.74 27.23 28.60
N PHE B 422 14.75 26.37 28.74
CA PHE B 422 14.56 25.14 29.49
C PHE B 422 14.88 25.30 30.98
N ASN B 423 15.81 26.18 31.33
CA ASN B 423 16.23 26.25 32.72
C ASN B 423 16.14 27.54 33.55
N ALA B 424 15.94 28.68 32.92
CA ALA B 424 15.93 29.91 33.70
C ALA B 424 14.70 30.09 34.56
N ALA B 425 14.93 30.35 35.84
CA ALA B 425 13.84 30.57 36.80
C ALA B 425 13.06 31.82 36.40
N ASP B 426 13.74 32.82 35.82
CA ASP B 426 13.01 34.04 35.44
C ASP B 426 12.38 34.09 34.04
N TYR B 427 12.38 32.96 33.32
CA TYR B 427 11.73 32.89 32.00
C TYR B 427 10.45 32.07 32.19
N ASP B 428 9.33 32.58 31.70
CA ASP B 428 8.04 31.91 31.86
C ASP B 428 7.23 31.91 30.56
N ASP B 429 7.16 30.74 29.90
CA ASP B 429 6.43 30.61 28.64
C ASP B 429 5.04 29.98 28.82
N SER B 430 4.51 30.04 30.05
CA SER B 430 3.21 29.41 30.32
C SER B 430 2.10 29.99 29.47
N GLN B 431 2.23 31.26 29.10
CA GLN B 431 1.22 31.90 28.28
C GLN B 431 1.63 32.03 26.81
N LEU B 432 2.74 31.42 26.40
CA LEU B 432 3.17 31.55 24.99
C LEU B 432 2.18 30.84 24.06
N ASP B 433 1.65 31.58 23.10
CA ASP B 433 0.65 31.08 22.13
C ASP B 433 1.29 30.35 20.95
N MET B 434 1.06 29.03 20.88
CA MET B 434 1.65 28.22 19.82
C MET B 434 1.05 28.46 18.43
N GLY B 435 0.03 29.31 18.37
CA GLY B 435 -0.59 29.66 17.11
C GLY B 435 -1.55 28.66 16.48
N THR B 436 -2.00 28.99 15.27
CA THR B 436 -2.92 28.13 14.53
C THR B 436 -2.28 27.51 13.28
N GLY B 437 -0.96 27.43 13.26
CA GLY B 437 -0.30 26.81 12.12
C GLY B 437 -0.78 25.36 12.02
N LEU B 438 -0.62 24.73 10.86
CA LEU B 438 -1.05 23.35 10.66
C LEU B 438 -0.24 22.29 11.40
N ARG B 439 -0.95 21.47 12.17
CA ARG B 439 -0.35 20.37 12.92
C ARG B 439 -0.41 19.12 12.06
N TYR B 440 0.55 18.23 12.24
CA TYR B 440 0.57 16.98 11.49
C TYR B 440 -0.19 15.98 12.34
N THR B 441 -1.23 15.41 11.77
CA THR B 441 -2.07 14.45 12.49
C THR B 441 -2.27 13.10 11.78
N GLY B 442 -1.20 12.39 11.49
CA GLY B 442 -1.35 11.09 10.87
C GLY B 442 -1.59 10.08 11.98
N VAL B 443 -2.43 9.08 11.74
CA VAL B 443 -2.69 8.05 12.74
C VAL B 443 -2.43 6.68 12.11
N GLY B 444 -1.53 5.92 12.72
CA GLY B 444 -1.22 4.62 12.17
C GLY B 444 -1.42 3.48 13.15
N PRO B 445 -1.20 2.23 12.69
CA PRO B 445 -1.35 1.02 13.50
C PRO B 445 -0.53 1.07 14.80
N GLY B 446 0.43 1.99 14.88
CA GLY B 446 1.24 2.09 16.08
C GLY B 446 0.82 3.15 17.10
N ASN B 447 -0.03 4.09 16.72
CA ASN B 447 -0.48 5.13 17.64
C ASN B 447 -2.00 5.27 17.64
N LEU B 448 -2.70 4.14 17.68
CA LEU B 448 -4.17 4.15 17.67
C LEU B 448 -4.77 4.69 18.98
N PRO B 449 -5.83 5.52 18.88
CA PRO B 449 -6.48 6.07 20.08
C PRO B 449 -7.29 5.01 20.79
N ILE B 450 -7.66 5.30 22.05
CA ILE B 450 -8.50 4.37 22.79
C ILE B 450 -9.87 4.58 22.17
N MET B 451 -10.61 3.51 21.96
CA MET B 451 -11.94 3.64 21.41
C MET B 451 -12.84 2.63 22.07
N THR B 452 -14.13 2.89 21.97
CA THR B 452 -15.11 2.05 22.61
C THR B 452 -16.19 1.60 21.63
N ALA B 453 -16.37 0.30 21.53
CA ALA B 453 -17.37 -0.25 20.62
C ALA B 453 -17.85 -1.61 21.10
N PRO B 454 -19.09 -1.97 20.76
CA PRO B 454 -19.69 -3.25 21.14
C PRO B 454 -18.84 -4.40 20.60
N ALA B 455 -18.68 -5.45 21.39
CA ALA B 455 -17.89 -6.60 20.97
C ALA B 455 -18.42 -7.22 19.68
N TYR B 456 -17.53 -7.88 18.93
CA TYR B 456 -17.92 -8.52 17.68
C TYR B 456 -18.76 -9.77 18.02
N VAL B 457 -19.74 -10.07 17.17
CA VAL B 457 -20.63 -11.22 17.37
C VAL B 457 -20.56 -12.20 16.20
N PRO B 458 -19.86 -13.33 16.36
CA PRO B 458 -19.75 -14.31 15.27
C PRO B 458 -21.13 -14.72 14.72
N GLY B 459 -21.23 -14.87 13.41
CA GLY B 459 -22.49 -15.24 12.78
C GLY B 459 -23.33 -14.03 12.39
N THR B 460 -22.89 -12.85 12.81
CA THR B 460 -23.60 -11.62 12.48
C THR B 460 -23.06 -11.04 11.16
N THR B 461 -23.93 -10.33 10.45
CA THR B 461 -23.54 -9.69 9.20
C THR B 461 -23.50 -8.21 9.51
N TYR B 462 -22.38 -7.56 9.18
CA TYR B 462 -22.21 -6.13 9.45
C TYR B 462 -22.30 -5.23 8.24
N ALA B 463 -22.81 -4.03 8.47
CA ALA B 463 -22.95 -3.05 7.41
C ALA B 463 -21.65 -2.25 7.34
N GLN B 464 -21.47 -1.48 6.27
CA GLN B 464 -20.28 -0.66 6.09
C GLN B 464 -20.23 0.38 7.23
N GLY B 465 -19.04 0.66 7.74
CA GLY B 465 -18.87 1.64 8.81
C GLY B 465 -19.22 1.17 10.22
N ALA B 466 -19.60 -0.09 10.34
CA ALA B 466 -19.93 -0.65 11.65
C ALA B 466 -18.63 -0.72 12.47
N LEU B 467 -18.74 -0.49 13.77
CA LEU B 467 -17.60 -0.55 14.69
C LEU B 467 -17.80 -1.62 15.75
N VAL B 468 -16.82 -2.49 15.90
CA VAL B 468 -16.87 -3.55 16.87
C VAL B 468 -15.51 -3.64 17.54
N SER B 469 -15.47 -4.19 18.76
CA SER B 469 -14.21 -4.38 19.43
C SER B 469 -14.00 -5.88 19.34
N TYR B 470 -12.76 -6.28 19.20
CA TYR B 470 -12.48 -7.69 19.05
C TYR B 470 -10.99 -7.89 19.18
N GLN B 471 -10.60 -8.78 20.08
CA GLN B 471 -9.19 -9.11 20.34
C GLN B 471 -8.27 -7.92 20.64
N GLY B 472 -8.74 -7.02 21.50
CA GLY B 472 -7.93 -5.88 21.88
C GLY B 472 -8.03 -4.63 21.01
N TYR B 473 -8.76 -4.70 19.90
CA TYR B 473 -8.89 -3.53 19.04
C TYR B 473 -10.32 -3.18 18.65
N VAL B 474 -10.52 -1.94 18.23
CA VAL B 474 -11.81 -1.49 17.74
C VAL B 474 -11.59 -1.51 16.22
N TRP B 475 -12.52 -2.12 15.50
CA TRP B 475 -12.42 -2.30 14.06
C TRP B 475 -13.57 -1.68 13.34
N GLN B 476 -13.33 -1.28 12.09
CA GLN B 476 -14.39 -0.69 11.29
C GLN B 476 -14.45 -1.31 9.89
N THR B 477 -15.66 -1.66 9.45
CA THR B 477 -15.86 -2.26 8.12
C THR B 477 -15.76 -1.20 7.02
N LYS B 478 -15.06 -1.53 5.94
CA LYS B 478 -14.85 -0.63 4.80
C LYS B 478 -15.94 -0.78 3.73
N TRP B 479 -16.78 -1.80 3.86
CA TRP B 479 -17.89 -2.05 2.93
C TRP B 479 -18.93 -2.94 3.62
N GLY B 480 -20.09 -3.13 2.96
CA GLY B 480 -21.17 -3.91 3.55
C GLY B 480 -21.19 -5.44 3.47
N TYR B 481 -22.16 -6.01 4.20
CA TYR B 481 -22.38 -7.46 4.30
C TYR B 481 -21.18 -8.28 4.77
N ILE B 482 -20.50 -7.81 5.80
CA ILE B 482 -19.33 -8.52 6.32
C ILE B 482 -19.77 -9.68 7.19
N THR B 483 -19.37 -10.89 6.82
CA THR B 483 -19.72 -12.09 7.60
C THR B 483 -18.42 -12.67 8.16
N SER B 484 -17.32 -11.99 7.86
CA SER B 484 -16.00 -12.39 8.32
C SER B 484 -15.72 -11.76 9.69
N ALA B 485 -14.81 -12.35 10.47
CA ALA B 485 -14.49 -11.82 11.79
C ALA B 485 -13.42 -10.73 11.63
N PRO B 486 -13.38 -9.74 12.54
CA PRO B 486 -12.36 -8.70 12.40
C PRO B 486 -10.96 -9.29 12.39
N GLY B 487 -10.14 -8.83 11.45
CA GLY B 487 -8.78 -9.33 11.37
C GLY B 487 -8.59 -10.55 10.48
N SER B 488 -9.68 -11.24 10.13
CA SER B 488 -9.60 -12.44 9.29
C SER B 488 -9.66 -12.17 7.78
N ASP B 489 -9.83 -10.89 7.42
CA ASP B 489 -9.88 -10.49 6.03
C ASP B 489 -9.79 -8.97 5.89
N SER B 490 -9.44 -8.54 4.69
CA SER B 490 -9.26 -7.14 4.38
C SER B 490 -10.51 -6.23 4.53
N ALA B 491 -11.64 -6.79 4.96
CA ALA B 491 -12.83 -5.97 5.12
C ALA B 491 -12.84 -5.08 6.37
N TRP B 492 -12.04 -5.42 7.38
CA TRP B 492 -12.02 -4.60 8.60
C TRP B 492 -10.77 -3.76 8.77
N LEU B 493 -10.96 -2.49 9.16
CA LEU B 493 -9.85 -1.58 9.40
C LEU B 493 -9.68 -1.38 10.91
N LYS B 494 -8.44 -1.56 11.38
CA LYS B 494 -8.09 -1.38 12.78
C LYS B 494 -8.06 0.14 13.04
N VAL B 495 -9.01 0.66 13.82
CA VAL B 495 -9.06 2.11 14.10
C VAL B 495 -8.83 2.55 15.55
N GLY B 496 -8.78 1.60 16.50
CA GLY B 496 -8.58 2.00 17.88
C GLY B 496 -8.14 0.85 18.77
N ARG B 497 -7.82 1.18 20.02
CA ARG B 497 -7.39 0.19 20.99
C ARG B 497 -8.46 0.08 22.07
N VAL B 498 -8.63 -1.12 22.57
CA VAL B 498 -9.60 -1.40 23.62
C VAL B 498 -8.93 -1.10 24.98
N ALA B 499 -9.64 -0.42 25.87
CA ALA B 499 -9.06 -0.10 27.17
C ALA B 499 -9.00 -1.35 28.03
C1 NAA C . -27.88 -20.83 -7.16
C2 NAA C . -29.32 -20.93 -7.68
C3 NAA C . -30.27 -21.36 -6.56
C4 NAA C . -29.76 -22.65 -5.85
C5 NAA C . -28.32 -22.41 -5.38
C6 NAA C . -27.73 -23.67 -4.74
C7 NAA C . -29.98 -19.34 -9.45
C8 NAA C . -30.25 -17.90 -9.90
N2 NAA C . -29.69 -19.58 -8.17
O3 NAA C . -30.34 -20.28 -5.60
O4 NAA C . -30.61 -23.03 -4.72
O5 NAA C . -27.47 -22.06 -6.50
O6 NAA C . -26.40 -23.37 -4.28
O7 NAA C . -30.00 -20.27 -10.28
C1 NAA C . -31.80 -23.72 -5.19
C2 NAA C . -32.38 -24.59 -4.06
C3 NAA C . -33.75 -25.19 -4.45
C4 NAA C . -34.69 -24.12 -5.04
C5 NAA C . -33.98 -23.36 -6.18
C6 NAA C . -34.90 -22.28 -6.73
C7 NAA C . -30.49 -25.66 -2.90
C8 NAA C . -29.67 -26.94 -2.78
N2 NAA C . -31.47 -25.71 -3.79
O3 NAA C . -33.56 -26.25 -5.38
O4 NAA C . -35.86 -24.76 -5.56
O5 NAA C . -32.78 -22.74 -5.64
O6 NAA C . -34.26 -21.60 -7.80
O7 NAA C . -30.26 -24.67 -2.20
C1 NAA D . 27.34 20.75 6.29
C2 NAA D . 27.90 22.18 6.14
C3 NAA D . 28.95 22.21 5.02
C4 NAA D . 30.02 21.11 5.27
C5 NAA D . 29.35 19.74 5.45
C6 NAA D . 30.39 18.64 5.75
C7 NAA D . 26.37 24.04 6.66
C8 NAA D . 25.13 24.87 6.32
N2 NAA D . 26.77 23.08 5.82
O3 NAA D . 28.30 22.00 3.76
O4 NAA D . 31.02 21.07 4.23
O5 NAA D . 28.42 19.82 6.55
O6 NAA D . 29.75 17.37 5.84
O7 NAA D . 26.94 24.22 7.74
C1 NAA D . 31.98 22.13 4.46
C2 NAA D . 33.30 21.82 3.70
C3 NAA D . 34.20 23.05 3.58
C4 NAA D . 33.41 24.29 3.15
C5 NAA D . 32.24 24.52 4.14
C6 NAA D . 31.43 25.77 3.77
C7 NAA D . 33.87 19.49 4.35
C8 NAA D . 34.81 18.66 5.21
N2 NAA D . 34.07 20.80 4.42
O3 NAA D . 34.80 23.29 4.86
O4 NAA D . 34.30 25.40 3.14
O5 NAA D . 31.36 23.38 4.03
O6 NAA D . 30.69 25.51 2.57
O7 NAA D . 32.99 18.97 3.65
C1 AMI E . -23.60 -19.28 -8.77
C2 AMI E . -23.37 -20.36 -7.65
C3 AMI E . -24.71 -21.08 -7.53
C4 AMI E . -25.77 -20.05 -7.86
C5 AMI E . -25.12 -19.38 -9.05
C6 AMI E . -25.77 -18.05 -9.44
C7 AMI E . -22.16 -20.88 -9.53
C8 AMI E . -21.07 -21.07 -11.70
C9 AMI E . -20.57 -22.73 -9.84
N2 AMI E . -22.39 -21.23 -8.27
N7 AMI E . -21.31 -21.55 -10.33
O3 AMI E . -24.87 -21.55 -6.19
O4 AMI E . -27.06 -20.56 -8.27
O6 AMI E . -25.81 -17.18 -8.31
O7 AMI E . -22.88 -19.80 -9.96
C1 GOL F . -12.61 3.61 -14.18
O1 GOL F . -13.96 3.99 -13.84
C2 GOL F . -12.22 2.34 -13.40
O2 GOL F . -10.87 1.99 -13.75
C3 GOL F . -13.14 1.20 -13.77
O3 GOL F . -14.48 1.51 -13.39
C1 GOL G . -16.35 -9.66 1.28
O1 GOL G . -17.67 -9.21 1.62
C2 GOL G . -15.49 -9.84 2.54
O2 GOL G . -14.16 -10.19 2.16
C3 GOL G . -16.09 -10.94 3.45
O3 GOL G . -17.39 -10.57 3.91
C1 GOL H . -1.53 -28.23 -14.48
O1 GOL H . -1.76 -27.48 -13.28
C2 GOL H . -2.57 -27.84 -15.54
O2 GOL H . -2.29 -28.54 -16.76
C3 GOL H . -2.54 -26.32 -15.77
O3 GOL H . -1.20 -25.88 -16.09
S SO4 I . -25.96 -20.86 -37.48
O1 SO4 I . -25.41 -22.03 -38.21
O2 SO4 I . -24.85 -19.97 -37.08
O3 SO4 I . -26.91 -20.13 -38.36
O4 SO4 I . -26.68 -21.35 -36.28
C1 AMI J . 23.76 18.58 8.76
C2 AMI J . 24.87 17.53 8.41
C3 AMI J . 26.12 18.37 8.05
C4 AMI J . 25.56 19.66 7.44
C5 AMI J . 24.46 19.91 8.45
C6 AMI J . 23.47 21.03 8.06
C7 AMI J . 24.28 17.40 10.62
C8 AMI J . 23.35 17.62 12.85
C9 AMI J . 25.02 15.80 12.29
N2 AMI J . 25.03 16.84 9.67
N7 AMI J . 24.23 16.96 11.87
O3 AMI J . 26.93 17.67 7.09
O4 AMI J . 26.46 20.78 7.40
O6 AMI J . 22.87 20.72 6.79
O7 AMI J . 23.56 18.48 10.20
C1 GOL K . -1.70 17.50 6.76
O1 GOL K . -0.91 16.64 7.59
C2 GOL K . -1.41 18.96 7.13
O2 GOL K . -2.27 19.82 6.40
C3 GOL K . 0.05 19.30 6.80
O3 GOL K . 0.89 18.39 7.48
C1 GOL L . 23.60 11.21 31.51
O1 GOL L . 23.85 12.41 32.25
C2 GOL L . 24.12 10.01 32.31
O2 GOL L . 24.00 8.82 31.53
C3 GOL L . 23.32 9.87 33.61
O3 GOL L . 23.73 8.67 34.29
C1 GOL M . 24.16 -4.12 33.34
O1 GOL M . 24.32 -4.51 31.96
C2 GOL M . 24.77 -2.72 33.56
O2 GOL M . 24.56 -2.34 34.93
C3 GOL M . 24.11 -1.68 32.64
O3 GOL M . 22.69 -1.65 32.86
#